data_3CFE
#
_entry.id   3CFE
#
_cell.length_a   132.130
_cell.length_b   59.460
_cell.length_c   149.370
_cell.angle_alpha   90.00
_cell.angle_beta   100.37
_cell.angle_gamma   90.00
#
_symmetry.space_group_name_H-M   'C 1 2 1'
#
loop_
_entity.id
_entity.type
_entity.pdbx_description
1 polymer 'PURPLE-FLUORESCENT ANTIBODY EP2-25C10-KAPPA LIGHT CHAIN'
2 polymer 'PURPLE-FLUORESCENT ANTIBODY EP2-25C10-IGG2B HEAVY CHAIN'
3 non-polymer 'SULFATE ION'
4 non-polymer GLYCEROL
#
loop_
_entity_poly.entity_id
_entity_poly.type
_entity_poly.pdbx_seq_one_letter_code
_entity_poly.pdbx_strand_id
1 'polypeptide(L)'
;DIQMTQTTSSLSASLGDRVTISCRASQDISNYLNWYQQKPDGTVKLLIYYTSRLHSGVPSRFSGSGSGTDYSLTISNLDQ
DDIATYFCQQGTTLPPTFGGGTKLEIKRADAAPTVSIFPPSSEQLTSGGASVVCFLNNFYPKDINVKWKIDGSERQNGVL
NSWTDQDSKDSTYSMSSTLTLTKDEYERHNSYTCEATHKTSTSPIVKSFNRNEC
;
L,A
2 'polypeptide(L)'
;EVQLQESGPGLVKPSQSLSLTCTVTGYSITSDYAWNWLRQLPGNKLEWMGYISYSGRIRYNPSLKRRISITRDTSKNQFF
LQLNSVTTEDTATYYCARSDYGNYGRGDYWGQGTSVTVSSAKTTPPSVYPLAPGCGDTTGSSVTSGCLVKGYFPESVTVT
WNSGSLSSSVHTFPALLQSGLYTMSSSVTVPSSTWPSETVTCSVAHPASSTTVDKKLEPS
;
H,B
#
# COMPACT_ATOMS: atom_id res chain seq x y z
N ASP A 1 -34.15 4.36 -9.52
CA ASP A 1 -34.45 3.02 -8.96
C ASP A 1 -33.83 2.93 -7.61
N ILE A 2 -34.62 2.62 -6.60
CA ILE A 2 -34.04 2.39 -5.30
C ILE A 2 -33.26 1.09 -5.39
N GLN A 3 -31.98 1.13 -5.02
CA GLN A 3 -31.12 -0.05 -5.02
C GLN A 3 -31.24 -0.77 -3.70
N MET A 4 -31.49 -2.07 -3.73
CA MET A 4 -31.52 -2.91 -2.52
C MET A 4 -30.28 -3.80 -2.45
N THR A 5 -29.78 -4.01 -1.23
CA THR A 5 -28.52 -4.69 -1.02
C THR A 5 -28.60 -5.65 0.16
N GLN A 6 -28.39 -6.93 -0.07
CA GLN A 6 -28.31 -7.84 1.05
C GLN A 6 -26.84 -8.23 1.12
N THR A 7 -26.10 -7.60 2.01
CA THR A 7 -24.64 -7.74 2.02
C THR A 7 -24.18 -9.18 2.22
N THR A 8 -25.02 -10.02 2.80
CA THR A 8 -24.68 -11.43 2.87
C THR A 8 -25.53 -12.22 1.91
N SER A 9 -24.86 -13.06 1.13
CA SER A 9 -25.52 -13.92 0.18
C SER A 9 -25.49 -15.41 0.60
N SER A 10 -24.63 -15.73 1.56
CA SER A 10 -24.55 -17.08 2.06
C SER A 10 -24.70 -17.11 3.56
N LEU A 11 -25.49 -18.07 4.04
CA LEU A 11 -25.78 -18.15 5.45
C LEU A 11 -25.96 -19.60 5.83
N SER A 12 -25.33 -20.01 6.91
CA SER A 12 -25.39 -21.40 7.34
C SER A 12 -25.62 -21.49 8.83
N ALA A 13 -26.62 -22.28 9.24
CA ALA A 13 -26.95 -22.41 10.66
C ALA A 13 -27.58 -23.75 10.95
N SER A 14 -27.56 -24.12 12.24
CA SER A 14 -28.11 -25.40 12.72
C SER A 14 -29.62 -25.30 12.87
N LEU A 15 -30.27 -26.45 12.89
CA LEU A 15 -31.69 -26.46 13.18
C LEU A 15 -31.90 -25.88 14.56
N GLY A 16 -33.05 -25.24 14.76
CA GLY A 16 -33.36 -24.61 16.03
C GLY A 16 -32.76 -23.23 16.19
N ASP A 17 -31.74 -22.88 15.40
CA ASP A 17 -31.08 -21.58 15.55
C ASP A 17 -31.95 -20.40 15.13
N ARG A 18 -31.47 -19.23 15.49
CA ARG A 18 -32.05 -17.99 15.05
C ARG A 18 -31.08 -17.42 14.02
N VAL A 19 -31.61 -16.82 12.98
CA VAL A 19 -30.76 -16.28 11.94
C VAL A 19 -31.36 -14.97 11.49
N THR A 20 -30.49 -13.99 11.19
CA THR A 20 -30.93 -12.73 10.65
C THR A 20 -30.40 -12.52 9.25
N ILE A 21 -31.28 -12.08 8.36
CA ILE A 21 -30.88 -11.66 7.04
C ILE A 21 -31.18 -10.17 6.97
N SER A 22 -30.21 -9.40 6.52
CA SER A 22 -30.35 -7.96 6.55
C SER A 22 -30.51 -7.41 5.15
N CYS A 23 -31.21 -6.27 5.06
CA CYS A 23 -31.52 -5.63 3.78
C CYS A 23 -31.40 -4.13 3.91
N ARG A 24 -30.76 -3.53 2.91
CA ARG A 24 -30.46 -2.11 2.93
C ARG A 24 -30.87 -1.42 1.64
N ALA A 25 -31.45 -0.23 1.77
CA ALA A 25 -31.98 0.55 0.65
C ALA A 25 -31.16 1.82 0.34
N SER A 26 -31.00 2.11 -0.94
CA SER A 26 -30.28 3.29 -1.37
C SER A 26 -30.87 4.61 -0.82
N GLN A 27 -32.16 4.61 -0.49
CA GLN A 27 -32.77 5.76 0.12
C GLN A 27 -33.91 5.36 1.05
N ASP A 28 -34.34 6.26 1.92
CA ASP A 28 -35.48 6.01 2.83
C ASP A 28 -36.68 5.46 2.09
N ILE A 29 -37.17 4.33 2.55
CA ILE A 29 -38.34 3.66 2.00
C ILE A 29 -39.47 3.47 3.02
N SER A 30 -39.37 4.11 4.18
CA SER A 30 -40.52 4.28 5.03
C SER A 30 -41.30 2.99 5.32
N ASN A 31 -40.59 1.90 5.59
CA ASN A 31 -41.22 0.67 6.08
C ASN A 31 -41.96 -0.22 5.08
N TYR A 32 -42.14 0.27 3.85
CA TYR A 32 -42.59 -0.55 2.72
C TYR A 32 -41.47 -1.51 2.23
N LEU A 33 -41.31 -2.57 3.01
CA LEU A 33 -40.41 -3.65 2.70
C LEU A 33 -41.15 -4.94 2.84
N ASN A 34 -40.97 -5.79 1.84
CA ASN A 34 -41.55 -7.11 1.82
C ASN A 34 -40.44 -8.13 1.77
N TRP A 35 -40.72 -9.34 2.24
CA TRP A 35 -39.74 -10.40 2.21
C TRP A 35 -40.35 -11.62 1.57
N TYR A 36 -39.61 -12.18 0.62
CA TYR A 36 -40.05 -13.34 -0.17
C TYR A 36 -39.08 -14.52 0.05
N GLN A 37 -39.66 -15.73 0.08
CA GLN A 37 -38.87 -16.93 0.10
C GLN A 37 -38.95 -17.64 -1.25
N GLN A 38 -37.82 -17.91 -1.87
CA GLN A 38 -37.78 -18.76 -3.06
C GLN A 38 -37.11 -20.12 -2.79
N LYS A 39 -37.87 -21.20 -3.05
CA LYS A 39 -37.38 -22.54 -2.82
C LYS A 39 -36.51 -22.95 -3.99
N PRO A 40 -35.66 -23.96 -3.78
CA PRO A 40 -34.78 -24.32 -4.87
C PRO A 40 -35.54 -24.64 -6.14
N ASP A 41 -36.71 -25.25 -6.02
CA ASP A 41 -37.51 -25.49 -7.21
C ASP A 41 -38.03 -24.19 -7.86
N GLY A 42 -37.82 -23.03 -7.21
CA GLY A 42 -38.17 -21.75 -7.81
C GLY A 42 -39.57 -21.26 -7.51
N THR A 43 -40.29 -21.97 -6.67
CA THR A 43 -41.56 -21.45 -6.25
C THR A 43 -41.26 -20.32 -5.29
N VAL A 44 -42.09 -19.27 -5.32
CA VAL A 44 -41.86 -18.05 -4.56
C VAL A 44 -43.03 -17.76 -3.66
N LYS A 45 -42.73 -17.38 -2.43
CA LYS A 45 -43.76 -17.12 -1.44
C LYS A 45 -43.43 -15.88 -0.64
N LEU A 46 -44.46 -15.06 -0.39
CA LEU A 46 -44.32 -13.85 0.41
C LEU A 46 -44.32 -14.26 1.87
N LEU A 47 -43.41 -13.70 2.65
CA LEU A 47 -43.31 -14.05 4.07
C LEU A 47 -43.88 -12.96 4.98
N ILE A 48 -43.33 -11.75 4.79
CA ILE A 48 -43.65 -10.62 5.64
C ILE A 48 -43.79 -9.45 4.73
N TYR A 49 -44.76 -8.58 5.02
CA TYR A 49 -44.94 -7.31 4.31
C TYR A 49 -44.90 -6.13 5.27
N TYR A 50 -44.56 -4.95 4.72
CA TYR A 50 -44.50 -3.66 5.42
C TYR A 50 -43.67 -3.80 6.65
N THR A 51 -42.40 -4.09 6.43
CA THR A 51 -41.40 -4.37 7.49
C THR A 51 -41.68 -5.59 8.37
N SER A 52 -42.81 -5.60 9.10
CA SER A 52 -43.03 -6.60 10.13
C SER A 52 -44.30 -7.45 10.02
N ARG A 53 -45.27 -7.13 9.18
CA ARG A 53 -46.51 -7.93 9.12
C ARG A 53 -46.37 -9.29 8.42
N LEU A 54 -46.89 -10.33 9.07
CA LEU A 54 -46.91 -11.70 8.56
C LEU A 54 -48.03 -11.93 7.57
N HIS A 55 -47.68 -12.38 6.37
CA HIS A 55 -48.67 -12.84 5.42
C HIS A 55 -49.43 -13.99 6.02
N SER A 56 -50.74 -14.00 5.83
CA SER A 56 -51.59 -15.16 6.15
C SER A 56 -50.94 -16.50 5.79
N GLY A 57 -50.78 -17.39 6.78
CA GLY A 57 -50.18 -18.72 6.59
C GLY A 57 -48.80 -18.88 7.20
N VAL A 58 -48.01 -17.82 7.11
CA VAL A 58 -46.61 -17.80 7.52
C VAL A 58 -46.40 -18.00 9.04
N PRO A 59 -45.63 -19.03 9.41
CA PRO A 59 -45.28 -19.24 10.81
C PRO A 59 -44.75 -18.01 11.55
N SER A 60 -45.25 -17.79 12.76
CA SER A 60 -44.79 -16.68 13.63
C SER A 60 -43.28 -16.68 13.92
N ARG A 61 -42.63 -17.84 13.82
CA ARG A 61 -41.16 -17.87 13.93
C ARG A 61 -40.46 -17.04 12.82
N PHE A 62 -41.26 -16.48 11.90
CA PHE A 62 -40.80 -15.47 10.96
C PHE A 62 -41.17 -14.05 11.44
N SER A 63 -40.21 -13.14 11.38
CA SER A 63 -40.43 -11.76 11.86
C SER A 63 -39.46 -10.76 11.19
N GLY A 64 -39.91 -9.52 11.11
CA GLY A 64 -39.09 -8.50 10.49
C GLY A 64 -39.05 -7.22 11.29
N SER A 65 -37.99 -6.44 11.10
CA SER A 65 -37.77 -5.22 11.82
C SER A 65 -37.12 -4.22 10.89
N GLY A 66 -37.24 -2.93 11.18
CA GLY A 66 -36.48 -1.95 10.46
C GLY A 66 -37.13 -0.59 10.30
N SER A 67 -36.29 0.38 10.00
CA SER A 67 -36.71 1.71 9.61
C SER A 67 -35.73 2.38 8.63
N GLY A 68 -36.18 3.48 8.04
CA GLY A 68 -35.39 4.26 7.11
C GLY A 68 -34.89 3.44 5.95
N THR A 69 -33.57 3.28 5.90
CA THR A 69 -32.92 2.51 4.87
C THR A 69 -32.60 1.08 5.28
N ASP A 70 -32.61 0.77 6.58
CA ASP A 70 -32.06 -0.49 7.09
C ASP A 70 -33.16 -1.40 7.59
N TYR A 71 -33.14 -2.66 7.15
CA TYR A 71 -34.16 -3.60 7.54
C TYR A 71 -33.56 -4.98 7.74
N SER A 72 -34.24 -5.80 8.55
CA SER A 72 -33.84 -7.20 8.79
C SER A 72 -35.01 -8.23 8.90
N LEU A 73 -34.83 -9.39 8.28
CA LEU A 73 -35.68 -10.58 8.54
C LEU A 73 -35.08 -11.49 9.62
N THR A 74 -35.93 -12.02 10.48
CA THR A 74 -35.49 -12.96 11.50
C THR A 74 -36.30 -14.26 11.51
N ILE A 75 -35.61 -15.33 11.19
CA ILE A 75 -36.13 -16.70 11.23
C ILE A 75 -35.52 -17.30 12.48
N SER A 76 -36.36 -17.78 13.37
CA SER A 76 -35.89 -18.41 14.59
C SER A 76 -36.42 -19.83 14.58
N ASN A 77 -36.05 -20.63 15.57
CA ASN A 77 -36.40 -22.05 15.62
C ASN A 77 -36.35 -22.61 14.22
N LEU A 78 -35.14 -22.63 13.69
CA LEU A 78 -34.92 -22.81 12.29
C LEU A 78 -35.32 -24.21 11.93
N ASP A 79 -35.69 -24.42 10.68
CA ASP A 79 -36.38 -25.63 10.31
C ASP A 79 -35.86 -26.25 9.01
N GLN A 80 -35.92 -27.58 8.90
CA GLN A 80 -35.47 -28.31 7.69
C GLN A 80 -36.09 -27.75 6.41
N ASP A 81 -37.31 -27.27 6.54
CA ASP A 81 -38.05 -26.74 5.42
C ASP A 81 -37.63 -25.31 5.04
N ASP A 82 -36.70 -24.71 5.77
CA ASP A 82 -36.34 -23.30 5.56
C ASP A 82 -35.21 -23.14 4.60
N ILE A 83 -34.65 -24.24 4.10
CA ILE A 83 -33.65 -24.18 3.02
C ILE A 83 -34.27 -23.45 1.81
N ALA A 84 -33.90 -22.20 1.63
CA ALA A 84 -34.34 -21.38 0.51
C ALA A 84 -33.43 -20.15 0.36
N THR A 85 -33.77 -19.28 -0.59
CA THR A 85 -33.07 -18.02 -0.72
C THR A 85 -34.09 -16.96 -0.38
N TYR A 86 -33.67 -15.94 0.36
CA TYR A 86 -34.58 -14.96 0.91
C TYR A 86 -34.30 -13.61 0.34
N PHE A 87 -35.36 -13.00 -0.16
CA PHE A 87 -35.34 -11.83 -0.99
C PHE A 87 -36.15 -10.76 -0.32
N CYS A 88 -35.54 -9.57 -0.20
CA CYS A 88 -36.26 -8.39 0.30
C CYS A 88 -36.70 -7.46 -0.83
N GLN A 89 -37.91 -6.90 -0.74
CA GLN A 89 -38.44 -6.06 -1.84
C GLN A 89 -38.95 -4.70 -1.38
N GLN A 90 -38.42 -3.60 -1.94
CA GLN A 90 -38.98 -2.26 -1.63
C GLN A 90 -40.23 -1.98 -2.44
N GLY A 91 -41.30 -1.60 -1.73
CA GLY A 91 -42.61 -1.33 -2.30
C GLY A 91 -43.06 0.12 -2.14
N THR A 92 -42.15 1.07 -2.31
CA THR A 92 -42.49 2.45 -2.06
C THR A 92 -42.68 3.21 -3.30
N THR A 93 -41.89 2.94 -4.33
CA THR A 93 -42.00 3.66 -5.62
C THR A 93 -41.93 2.64 -6.69
N LEU A 94 -42.34 2.97 -7.91
CA LEU A 94 -42.04 2.12 -9.08
C LEU A 94 -40.65 2.50 -9.68
N PRO A 95 -39.96 1.55 -10.29
CA PRO A 95 -40.27 0.15 -10.28
C PRO A 95 -39.93 -0.44 -8.91
N PRO A 96 -40.67 -1.47 -8.49
CA PRO A 96 -40.27 -2.21 -7.32
C PRO A 96 -38.91 -2.78 -7.61
N THR A 97 -38.11 -2.92 -6.56
CA THR A 97 -36.76 -3.41 -6.72
C THR A 97 -36.48 -4.44 -5.63
N PHE A 98 -35.76 -5.48 -6.00
CA PHE A 98 -35.45 -6.57 -5.09
C PHE A 98 -34.00 -6.60 -4.74
N GLY A 99 -33.67 -7.29 -3.66
CA GLY A 99 -32.28 -7.48 -3.27
C GLY A 99 -31.68 -8.64 -4.04
N GLY A 100 -30.41 -8.92 -3.73
CA GLY A 100 -29.69 -9.96 -4.45
C GLY A 100 -30.04 -11.33 -3.97
N GLY A 101 -30.62 -11.40 -2.77
CA GLY A 101 -30.94 -12.67 -2.11
C GLY A 101 -29.85 -13.14 -1.13
N THR A 102 -30.29 -13.91 -0.12
CA THR A 102 -29.43 -14.68 0.77
C THR A 102 -29.85 -16.14 0.78
N LYS A 103 -28.91 -17.00 0.37
CA LYS A 103 -29.05 -18.46 0.42
C LYS A 103 -28.86 -18.85 1.85
N LEU A 104 -29.72 -19.77 2.30
CA LEU A 104 -29.62 -20.32 3.64
C LEU A 104 -29.41 -21.81 3.56
N GLU A 105 -28.26 -22.25 4.06
CA GLU A 105 -27.94 -23.67 4.20
C GLU A 105 -28.20 -24.11 5.64
N ILE A 106 -28.86 -25.26 5.82
CA ILE A 106 -28.96 -25.86 7.14
C ILE A 106 -27.75 -26.72 7.46
N LYS A 107 -27.17 -26.52 8.64
CA LYS A 107 -26.06 -27.35 9.07
C LYS A 107 -26.53 -28.78 9.30
N ARG A 108 -25.59 -29.69 9.38
CA ARG A 108 -25.82 -31.12 9.32
C ARG A 108 -24.56 -31.76 9.86
N ALA A 109 -24.66 -32.99 10.36
CA ALA A 109 -23.47 -33.78 10.73
C ALA A 109 -22.57 -34.02 9.50
N ASP A 110 -21.24 -33.94 9.66
CA ASP A 110 -20.33 -34.20 8.55
C ASP A 110 -20.64 -35.58 7.94
N ALA A 111 -20.36 -35.72 6.65
CA ALA A 111 -20.73 -36.91 5.90
C ALA A 111 -19.74 -37.09 4.76
N ALA A 112 -19.19 -38.29 4.64
CA ALA A 112 -18.28 -38.61 3.53
C ALA A 112 -19.08 -39.05 2.26
N PRO A 113 -18.59 -38.66 1.07
CA PRO A 113 -19.33 -38.96 -0.16
C PRO A 113 -19.25 -40.41 -0.54
N THR A 114 -20.33 -41.00 -1.02
CA THR A 114 -20.25 -42.31 -1.65
C THR A 114 -19.88 -42.08 -3.11
N VAL A 115 -18.71 -42.57 -3.49
CA VAL A 115 -18.15 -42.36 -4.82
C VAL A 115 -18.25 -43.58 -5.72
N SER A 116 -18.58 -43.33 -6.98
CA SER A 116 -18.75 -44.34 -8.02
C SER A 116 -18.21 -43.85 -9.38
N ILE A 117 -17.35 -44.64 -10.02
CA ILE A 117 -16.86 -44.31 -11.36
C ILE A 117 -17.52 -45.22 -12.41
N PHE A 118 -17.74 -44.69 -13.60
CA PHE A 118 -18.38 -45.43 -14.71
C PHE A 118 -17.61 -45.20 -15.99
N PRO A 119 -17.33 -46.27 -16.72
CA PRO A 119 -16.63 -46.14 -17.98
C PRO A 119 -17.58 -45.71 -19.08
N PRO A 120 -17.02 -45.38 -20.26
CA PRO A 120 -17.84 -45.10 -21.43
C PRO A 120 -18.73 -46.30 -21.80
N SER A 121 -19.94 -46.00 -22.26
CA SER A 121 -20.87 -47.01 -22.66
C SER A 121 -20.47 -47.47 -24.03
N SER A 122 -20.92 -48.66 -24.36
CA SER A 122 -20.68 -49.25 -25.66
C SER A 122 -21.13 -48.30 -26.76
N GLU A 123 -22.32 -47.75 -26.56
CA GLU A 123 -23.02 -46.96 -27.57
C GLU A 123 -22.29 -45.67 -27.89
N GLN A 124 -21.94 -44.91 -26.86
CA GLN A 124 -21.18 -43.68 -27.03
C GLN A 124 -19.88 -43.93 -27.80
N LEU A 125 -19.23 -45.06 -27.51
CA LEU A 125 -17.95 -45.37 -28.13
C LEU A 125 -18.10 -45.60 -29.62
N THR A 126 -19.18 -46.25 -30.02
CA THR A 126 -19.53 -46.35 -31.43
C THR A 126 -19.67 -44.96 -32.06
N SER A 127 -20.25 -44.01 -31.30
CA SER A 127 -20.39 -42.63 -31.76
C SER A 127 -19.06 -41.87 -31.88
N GLY A 128 -17.98 -42.46 -31.37
CA GLY A 128 -16.63 -41.89 -31.48
C GLY A 128 -16.17 -41.01 -30.32
N GLY A 129 -17.03 -40.85 -29.32
CA GLY A 129 -16.69 -40.09 -28.11
C GLY A 129 -16.47 -41.06 -26.96
N ALA A 130 -16.01 -40.54 -25.83
CA ALA A 130 -15.77 -41.36 -24.64
C ALA A 130 -15.73 -40.48 -23.39
N SER A 131 -16.72 -40.69 -22.52
CA SER A 131 -16.87 -39.89 -21.33
C SER A 131 -16.81 -40.78 -20.10
N VAL A 132 -15.90 -40.47 -19.18
CA VAL A 132 -15.85 -41.19 -17.93
C VAL A 132 -16.56 -40.35 -16.88
N VAL A 133 -17.38 -40.98 -16.05
CA VAL A 133 -18.24 -40.22 -15.16
C VAL A 133 -18.07 -40.67 -13.75
N CYS A 134 -18.26 -39.74 -12.83
CA CYS A 134 -18.05 -40.00 -11.44
C CYS A 134 -19.13 -39.34 -10.64
N PHE A 135 -19.88 -40.14 -9.87
CA PHE A 135 -20.82 -39.61 -8.90
C PHE A 135 -20.19 -39.61 -7.54
N LEU A 136 -20.40 -38.54 -6.79
CA LEU A 136 -19.94 -38.43 -5.42
C LEU A 136 -21.18 -38.02 -4.68
N ASN A 137 -21.82 -38.97 -4.03
CA ASN A 137 -23.15 -38.71 -3.52
C ASN A 137 -23.24 -38.40 -2.01
N ASN A 138 -24.27 -37.64 -1.64
CA ASN A 138 -24.67 -37.46 -0.25
C ASN A 138 -23.55 -37.12 0.71
N PHE A 139 -22.99 -35.92 0.57
CA PHE A 139 -21.92 -35.49 1.45
C PHE A 139 -22.18 -34.15 2.09
N TYR A 140 -21.46 -33.88 3.18
CA TYR A 140 -21.48 -32.60 3.85
C TYR A 140 -20.10 -32.40 4.48
N PRO A 141 -19.57 -31.16 4.44
CA PRO A 141 -20.19 -30.00 3.85
C PRO A 141 -20.03 -30.09 2.36
N LYS A 142 -20.55 -29.05 1.69
CA LYS A 142 -20.55 -28.95 0.22
C LYS A 142 -19.15 -28.93 -0.36
N ASP A 143 -18.22 -28.39 0.40
CA ASP A 143 -16.89 -28.16 -0.10
C ASP A 143 -16.12 -29.44 -0.39
N ILE A 144 -15.67 -29.58 -1.64
CA ILE A 144 -15.02 -30.80 -2.09
C ILE A 144 -14.18 -30.64 -3.34
N ASN A 145 -13.14 -31.46 -3.46
CA ASN A 145 -12.28 -31.46 -4.64
C ASN A 145 -12.29 -32.79 -5.34
N VAL A 146 -12.26 -32.74 -6.67
CA VAL A 146 -12.09 -33.92 -7.49
C VAL A 146 -10.91 -33.79 -8.47
N LYS A 147 -10.08 -34.82 -8.56
CA LYS A 147 -9.00 -34.95 -9.55
C LYS A 147 -9.26 -36.15 -10.47
N TRP A 148 -9.15 -35.95 -11.78
CA TRP A 148 -9.10 -37.08 -12.69
C TRP A 148 -7.65 -37.41 -13.00
N LYS A 149 -7.29 -38.69 -12.87
CA LYS A 149 -5.95 -39.16 -13.20
C LYS A 149 -6.01 -40.16 -14.34
N ILE A 150 -5.40 -39.83 -15.47
CA ILE A 150 -5.30 -40.72 -16.63
C ILE A 150 -3.91 -41.32 -16.72
N ASP A 151 -3.82 -42.63 -16.54
CA ASP A 151 -2.56 -43.32 -16.34
C ASP A 151 -1.76 -42.57 -15.29
N GLY A 152 -2.41 -42.24 -14.18
CA GLY A 152 -1.71 -41.56 -13.08
C GLY A 152 -1.45 -40.07 -13.25
N SER A 153 -1.51 -39.60 -14.48
CA SER A 153 -1.34 -38.19 -14.78
C SER A 153 -2.65 -37.38 -14.60
N GLU A 154 -2.59 -36.27 -13.87
CA GLU A 154 -3.77 -35.48 -13.56
C GLU A 154 -4.34 -34.85 -14.81
N ARG A 155 -5.66 -34.71 -14.85
CA ARG A 155 -6.30 -34.05 -15.98
C ARG A 155 -7.24 -32.95 -15.55
N GLN A 156 -6.92 -31.72 -15.97
CA GLN A 156 -7.79 -30.56 -15.74
C GLN A 156 -8.72 -30.30 -16.93
N ASN A 157 -8.19 -30.49 -18.13
CA ASN A 157 -8.91 -30.07 -19.32
C ASN A 157 -10.06 -31.01 -19.67
N GLY A 158 -11.23 -30.43 -19.94
CA GLY A 158 -12.40 -31.18 -20.35
C GLY A 158 -13.13 -31.88 -19.22
N VAL A 159 -13.10 -31.29 -18.02
CA VAL A 159 -13.85 -31.86 -16.89
C VAL A 159 -15.09 -31.02 -16.62
N LEU A 160 -16.25 -31.66 -16.50
CA LEU A 160 -17.47 -30.95 -16.17
C LEU A 160 -17.99 -31.49 -14.85
N ASN A 161 -18.08 -30.58 -13.88
CA ASN A 161 -18.62 -30.89 -12.56
C ASN A 161 -19.99 -30.23 -12.40
N SER A 162 -20.87 -30.82 -11.60
CA SER A 162 -22.21 -30.29 -11.39
C SER A 162 -22.72 -30.66 -10.03
N TRP A 163 -22.95 -29.64 -9.21
CA TRP A 163 -23.50 -29.80 -7.87
C TRP A 163 -25.00 -29.74 -7.85
N THR A 164 -25.60 -30.45 -6.91
CA THR A 164 -27.02 -30.32 -6.65
C THR A 164 -27.28 -29.37 -5.49
N ASP A 165 -28.48 -28.82 -5.45
CA ASP A 165 -28.90 -28.05 -4.29
C ASP A 165 -28.75 -28.93 -3.06
N GLN A 166 -28.68 -28.29 -1.90
CA GLN A 166 -28.72 -29.01 -0.65
C GLN A 166 -30.01 -29.83 -0.56
N ASP A 167 -29.89 -31.13 -0.29
CA ASP A 167 -31.07 -31.98 -0.20
C ASP A 167 -32.05 -31.46 0.86
N SER A 168 -33.27 -31.20 0.41
CA SER A 168 -34.33 -30.65 1.27
C SER A 168 -34.76 -31.55 2.42
N LYS A 169 -34.28 -32.80 2.42
CA LYS A 169 -34.75 -33.76 3.40
C LYS A 169 -33.68 -34.09 4.42
N ASP A 170 -32.48 -34.46 3.95
CA ASP A 170 -31.34 -34.86 4.82
C ASP A 170 -30.21 -33.82 4.93
N SER A 171 -30.33 -32.68 4.25
CA SER A 171 -29.34 -31.60 4.29
C SER A 171 -27.97 -31.92 3.65
N THR A 172 -27.91 -32.86 2.69
CA THR A 172 -26.62 -33.18 2.04
C THR A 172 -26.48 -32.56 0.64
N TYR A 173 -25.31 -32.74 0.05
CA TYR A 173 -25.07 -32.34 -1.31
C TYR A 173 -24.59 -33.55 -2.04
N SER A 174 -24.67 -33.49 -3.37
CA SER A 174 -24.03 -34.48 -4.24
C SER A 174 -23.37 -33.75 -5.41
N MET A 175 -22.59 -34.47 -6.20
CA MET A 175 -21.95 -33.87 -7.36
C MET A 175 -21.60 -34.87 -8.44
N SER A 176 -21.74 -34.52 -9.71
CA SER A 176 -21.21 -35.42 -10.73
C SER A 176 -20.04 -34.79 -11.46
N SER A 177 -18.99 -35.57 -11.67
CA SER A 177 -17.89 -35.08 -12.48
C SER A 177 -17.80 -35.93 -13.74
N THR A 178 -17.53 -35.28 -14.88
CA THR A 178 -17.47 -35.94 -16.18
C THR A 178 -16.22 -35.55 -16.91
N LEU A 179 -15.42 -36.54 -17.27
CA LEU A 179 -14.23 -36.31 -18.04
C LEU A 179 -14.56 -36.75 -19.45
N THR A 180 -14.49 -35.83 -20.41
CA THR A 180 -14.78 -36.20 -21.79
C THR A 180 -13.54 -36.08 -22.64
N LEU A 181 -13.32 -37.08 -23.48
CA LEU A 181 -12.26 -37.05 -24.48
C LEU A 181 -12.68 -37.91 -25.64
N THR A 182 -11.89 -37.88 -26.70
CA THR A 182 -12.17 -38.70 -27.88
C THR A 182 -11.93 -40.19 -27.62
N LYS A 183 -12.60 -41.03 -28.43
CA LYS A 183 -12.46 -42.49 -28.37
C LYS A 183 -10.99 -42.88 -28.53
N ASP A 184 -10.31 -42.20 -29.45
CA ASP A 184 -8.90 -42.42 -29.70
C ASP A 184 -8.07 -42.01 -28.48
N GLU A 185 -8.32 -40.83 -27.91
CA GLU A 185 -7.65 -40.46 -26.64
C GLU A 185 -7.89 -41.53 -25.58
N TYR A 186 -9.15 -41.86 -25.34
CA TYR A 186 -9.52 -42.92 -24.40
C TYR A 186 -8.71 -44.18 -24.63
N GLU A 187 -8.73 -44.65 -25.86
CA GLU A 187 -8.20 -45.95 -26.12
C GLU A 187 -6.68 -45.96 -26.07
N ARG A 188 -6.06 -44.80 -25.90
CA ARG A 188 -4.59 -44.71 -25.80
C ARG A 188 -4.05 -44.71 -24.38
N HIS A 189 -4.84 -45.15 -23.40
CA HIS A 189 -4.42 -45.11 -21.98
C HIS A 189 -5.22 -46.17 -21.23
N ASN A 190 -4.63 -46.75 -20.20
CA ASN A 190 -5.23 -47.92 -19.58
C ASN A 190 -6.14 -47.65 -18.38
N SER A 191 -5.72 -46.76 -17.48
CA SER A 191 -6.41 -46.63 -16.19
C SER A 191 -6.96 -45.24 -16.02
N TYR A 192 -8.15 -45.19 -15.43
CA TYR A 192 -8.83 -43.94 -15.23
C TYR A 192 -9.17 -43.80 -13.76
N THR A 193 -8.72 -42.74 -13.11
CA THR A 193 -8.97 -42.56 -11.68
C THR A 193 -9.75 -41.31 -11.32
N CYS A 194 -10.43 -41.42 -10.20
CA CYS A 194 -11.35 -40.43 -9.70
C CYS A 194 -11.01 -40.26 -8.24
N GLU A 195 -10.34 -39.19 -7.89
CA GLU A 195 -9.95 -38.99 -6.51
C GLU A 195 -10.85 -37.95 -5.93
N ALA A 196 -11.43 -38.21 -4.75
CA ALA A 196 -12.21 -37.20 -4.01
C ALA A 196 -11.46 -36.84 -2.73
N THR A 197 -11.24 -35.54 -2.50
CA THR A 197 -10.67 -35.04 -1.23
C THR A 197 -11.76 -34.26 -0.50
N HIS A 198 -11.98 -34.60 0.77
CA HIS A 198 -13.10 -34.03 1.50
C HIS A 198 -12.80 -33.99 2.95
N LYS A 199 -13.36 -32.99 3.63
CA LYS A 199 -13.15 -32.78 5.05
C LYS A 199 -13.15 -34.08 5.83
N THR A 200 -14.21 -34.85 5.66
CA THR A 200 -14.42 -36.13 6.35
C THR A 200 -13.23 -37.08 6.38
N SER A 201 -12.25 -36.89 5.50
CA SER A 201 -11.14 -37.84 5.35
C SER A 201 -9.77 -37.18 5.10
N THR A 202 -8.74 -37.66 5.80
CA THR A 202 -7.38 -37.08 5.71
C THR A 202 -6.72 -37.44 4.38
N SER A 203 -6.98 -38.63 3.88
CA SER A 203 -6.51 -39.00 2.58
C SER A 203 -7.68 -39.10 1.62
N PRO A 204 -7.41 -38.97 0.31
CA PRO A 204 -8.48 -39.04 -0.68
C PRO A 204 -9.23 -40.36 -0.73
N ILE A 205 -10.41 -40.32 -1.33
CA ILE A 205 -11.18 -41.52 -1.66
C ILE A 205 -10.98 -41.75 -3.14
N VAL A 206 -10.41 -42.87 -3.49
CA VAL A 206 -9.98 -43.05 -4.85
C VAL A 206 -10.70 -44.22 -5.42
N LYS A 207 -11.33 -43.99 -6.57
CA LYS A 207 -11.98 -45.03 -7.35
C LYS A 207 -11.52 -44.93 -8.79
N SER A 208 -11.39 -46.07 -9.45
CA SER A 208 -10.88 -46.10 -10.83
C SER A 208 -11.13 -47.46 -11.46
N PHE A 209 -10.81 -47.58 -12.74
CA PHE A 209 -10.98 -48.81 -13.47
C PHE A 209 -9.93 -48.88 -14.54
N ASN A 210 -9.68 -50.10 -15.01
CA ASN A 210 -8.65 -50.35 -15.98
C ASN A 210 -9.20 -50.96 -17.26
N ARG A 211 -9.01 -50.29 -18.40
CA ARG A 211 -9.51 -50.80 -19.68
C ARG A 211 -9.01 -52.19 -19.95
N ASN A 212 -7.76 -52.46 -19.61
CA ASN A 212 -7.20 -53.80 -19.81
C ASN A 212 -7.89 -54.95 -19.02
N GLU A 213 -9.06 -54.68 -18.42
CA GLU A 213 -9.78 -55.70 -17.65
C GLU A 213 -11.20 -55.92 -18.14
N GLU B 1 -56.88 -20.47 -2.91
CA GLU B 1 -56.89 -21.16 -4.24
C GLU B 1 -56.85 -20.18 -5.42
N VAL B 2 -56.30 -18.98 -5.22
CA VAL B 2 -55.96 -18.15 -6.37
C VAL B 2 -54.75 -18.85 -6.94
N GLN B 3 -54.71 -19.06 -8.27
CA GLN B 3 -53.53 -19.65 -8.95
C GLN B 3 -53.23 -18.98 -10.25
N LEU B 4 -51.94 -18.83 -10.51
CA LEU B 4 -51.46 -18.22 -11.72
C LEU B 4 -50.54 -19.26 -12.36
N GLN B 5 -50.62 -19.46 -13.66
CA GLN B 5 -49.54 -20.19 -14.32
C GLN B 5 -49.21 -19.62 -15.70
N GLU B 6 -47.92 -19.43 -15.92
CA GLU B 6 -47.44 -18.80 -17.13
C GLU B 6 -47.02 -19.87 -18.13
N SER B 7 -47.02 -19.50 -19.40
CA SER B 7 -46.70 -20.46 -20.43
C SER B 7 -46.35 -19.68 -21.65
N GLY B 8 -45.66 -20.33 -22.59
CA GLY B 8 -45.22 -19.69 -23.83
C GLY B 8 -43.97 -20.38 -24.25
N PRO B 9 -43.38 -19.96 -25.35
CA PRO B 9 -42.22 -20.70 -25.91
C PRO B 9 -40.94 -20.61 -25.11
N GLY B 10 -40.26 -21.72 -24.88
CA GLY B 10 -38.99 -21.69 -24.10
C GLY B 10 -37.76 -21.28 -24.89
N LEU B 11 -37.88 -21.21 -26.20
CA LEU B 11 -36.74 -20.86 -27.05
C LEU B 11 -37.17 -19.83 -28.09
N VAL B 12 -36.37 -18.78 -28.25
CA VAL B 12 -36.72 -17.66 -29.09
C VAL B 12 -35.47 -17.08 -29.70
N LYS B 13 -35.53 -16.78 -31.00
CA LYS B 13 -34.38 -16.30 -31.73
C LYS B 13 -34.16 -14.80 -31.57
N PRO B 14 -32.89 -14.38 -31.38
CA PRO B 14 -32.55 -12.99 -31.17
C PRO B 14 -33.25 -12.14 -32.19
N SER B 15 -33.70 -10.97 -31.77
CA SER B 15 -34.32 -9.97 -32.63
C SER B 15 -35.82 -10.19 -32.84
N GLN B 16 -36.31 -11.38 -32.48
CA GLN B 16 -37.73 -11.63 -32.43
C GLN B 16 -38.34 -11.20 -31.10
N SER B 17 -39.66 -11.25 -31.02
CA SER B 17 -40.36 -10.89 -29.83
C SER B 17 -40.71 -12.15 -29.03
N LEU B 18 -40.93 -11.96 -27.73
CA LEU B 18 -41.22 -13.03 -26.77
C LEU B 18 -42.62 -12.80 -26.21
N SER B 19 -43.46 -13.83 -26.33
CA SER B 19 -44.82 -13.74 -25.88
C SER B 19 -45.07 -14.76 -24.80
N LEU B 20 -45.61 -14.33 -23.69
CA LEU B 20 -45.99 -15.31 -22.71
C LEU B 20 -47.44 -15.09 -22.28
N THR B 21 -48.06 -16.11 -21.71
CA THR B 21 -49.33 -15.94 -21.10
C THR B 21 -49.39 -16.42 -19.67
N CYS B 22 -49.98 -15.60 -18.82
CA CYS B 22 -50.32 -16.01 -17.51
C CYS B 22 -51.82 -16.23 -17.49
N THR B 23 -52.23 -17.35 -16.87
CA THR B 23 -53.62 -17.75 -16.77
C THR B 23 -53.97 -17.74 -15.30
N VAL B 24 -54.88 -16.85 -14.90
CA VAL B 24 -55.28 -16.75 -13.51
C VAL B 24 -56.47 -17.64 -13.28
N THR B 25 -56.58 -18.24 -12.11
CA THR B 25 -57.77 -19.03 -11.77
C THR B 25 -58.06 -18.85 -10.29
N GLY B 26 -59.33 -18.91 -9.91
CA GLY B 26 -59.72 -18.71 -8.52
C GLY B 26 -60.01 -17.27 -8.18
N TYR B 27 -59.89 -16.40 -9.18
CA TYR B 27 -59.98 -14.96 -8.98
C TYR B 27 -60.06 -14.18 -10.31
N SER B 28 -61.03 -13.29 -10.44
CA SER B 28 -61.20 -12.55 -11.68
C SER B 28 -60.17 -11.47 -11.70
N ILE B 29 -59.55 -11.25 -12.86
CA ILE B 29 -58.47 -10.26 -12.99
C ILE B 29 -59.04 -8.86 -13.05
N THR B 30 -60.35 -8.76 -13.01
CA THR B 30 -61.07 -7.52 -13.10
C THR B 30 -61.56 -7.02 -11.73
N SER B 31 -61.58 -7.90 -10.74
CA SER B 31 -62.11 -7.53 -9.42
C SER B 31 -61.23 -6.54 -8.69
N ASP B 32 -59.94 -6.80 -8.59
CA ASP B 32 -59.11 -6.02 -7.71
C ASP B 32 -57.69 -6.45 -7.91
N TYR B 33 -56.73 -5.66 -7.44
CA TYR B 33 -55.30 -6.02 -7.52
C TYR B 33 -54.68 -5.68 -8.84
N ALA B 34 -53.35 -5.84 -8.86
CA ALA B 34 -52.51 -5.64 -10.03
C ALA B 34 -51.83 -6.96 -10.35
N TRP B 35 -51.48 -7.12 -11.63
CA TRP B 35 -51.05 -8.36 -12.21
C TRP B 35 -49.79 -8.04 -12.96
N ASN B 36 -48.74 -8.81 -12.69
CA ASN B 36 -47.37 -8.39 -12.94
C ASN B 36 -46.53 -9.35 -13.78
N TRP B 37 -45.56 -8.80 -14.48
CA TRP B 37 -44.52 -9.61 -15.06
C TRP B 37 -43.19 -9.24 -14.41
N LEU B 38 -42.48 -10.27 -13.97
CA LEU B 38 -41.14 -10.12 -13.44
C LEU B 38 -40.32 -11.18 -14.03
N ARG B 39 -39.03 -11.08 -13.88
CA ARG B 39 -38.13 -12.11 -14.39
C ARG B 39 -36.88 -12.18 -13.56
N GLN B 40 -36.20 -13.31 -13.66
CA GLN B 40 -35.04 -13.56 -12.86
C GLN B 40 -34.01 -13.97 -13.83
N LEU B 41 -32.96 -13.19 -13.85
CA LEU B 41 -31.88 -13.38 -14.79
C LEU B 41 -30.82 -14.17 -14.07
N PRO B 42 -29.96 -14.84 -14.82
CA PRO B 42 -28.77 -15.43 -14.24
C PRO B 42 -28.12 -14.59 -13.10
N GLY B 43 -27.60 -15.28 -12.09
CA GLY B 43 -27.05 -14.59 -10.94
C GLY B 43 -28.13 -14.12 -10.00
N ASN B 44 -29.31 -14.66 -10.20
CA ASN B 44 -30.49 -14.46 -9.34
C ASN B 44 -31.01 -13.02 -9.20
N LYS B 45 -30.67 -12.19 -10.18
CA LYS B 45 -31.02 -10.80 -10.11
C LYS B 45 -32.43 -10.56 -10.66
N LEU B 46 -33.28 -10.24 -9.70
CA LEU B 46 -34.71 -10.23 -9.87
C LEU B 46 -35.25 -8.87 -10.31
N GLU B 47 -35.91 -8.84 -11.46
CA GLU B 47 -36.30 -7.59 -12.04
C GLU B 47 -37.80 -7.50 -12.40
N TRP B 48 -38.48 -6.47 -11.89
CA TRP B 48 -39.88 -6.26 -12.20
C TRP B 48 -40.03 -5.65 -13.59
N MET B 49 -41.03 -6.11 -14.33
CA MET B 49 -41.24 -5.62 -15.68
C MET B 49 -42.46 -4.75 -15.82
N GLY B 50 -43.59 -5.12 -15.28
CA GLY B 50 -44.75 -4.29 -15.46
C GLY B 50 -45.99 -4.90 -14.86
N TYR B 51 -47.06 -4.13 -14.87
CA TYR B 51 -48.34 -4.69 -14.52
C TYR B 51 -49.46 -4.20 -15.36
N ILE B 52 -50.58 -4.84 -15.10
CA ILE B 52 -51.85 -4.39 -15.61
C ILE B 52 -52.83 -4.52 -14.44
N SER B 53 -53.45 -3.40 -14.08
CA SER B 53 -54.36 -3.36 -12.96
C SER B 53 -55.60 -4.10 -13.33
N TYR B 54 -56.46 -4.27 -12.34
CA TYR B 54 -57.83 -4.75 -12.56
C TYR B 54 -58.68 -3.76 -13.40
N SER B 55 -58.25 -2.49 -13.45
CA SER B 55 -58.97 -1.46 -14.16
C SER B 55 -58.34 -1.23 -15.50
N GLY B 56 -57.34 -2.03 -15.84
CA GLY B 56 -56.67 -1.90 -17.13
C GLY B 56 -55.53 -0.88 -17.22
N ARG B 57 -55.17 -0.31 -16.08
CA ARG B 57 -54.03 0.55 -16.02
C ARG B 57 -52.69 -0.18 -16.10
N ILE B 58 -51.79 0.32 -16.93
CA ILE B 58 -50.55 -0.38 -17.26
C ILE B 58 -49.38 0.47 -16.89
N ARG B 59 -48.31 -0.18 -16.45
CA ARG B 59 -47.06 0.46 -16.04
C ARG B 59 -45.87 -0.41 -16.34
N TYR B 60 -44.79 0.19 -16.85
CA TYR B 60 -43.58 -0.53 -17.23
C TYR B 60 -42.35 -0.03 -16.51
N ASN B 61 -41.35 -0.91 -16.39
CA ASN B 61 -40.05 -0.58 -15.84
C ASN B 61 -39.27 0.26 -16.85
N PRO B 62 -38.80 1.45 -16.47
CA PRO B 62 -38.21 2.39 -17.44
C PRO B 62 -37.14 1.75 -18.31
N SER B 63 -36.27 0.97 -17.69
CA SER B 63 -35.25 0.19 -18.39
C SER B 63 -35.76 -0.61 -19.58
N LEU B 64 -37.06 -0.99 -19.54
CA LEU B 64 -37.69 -1.85 -20.54
C LEU B 64 -38.85 -1.24 -21.33
N LYS B 65 -39.18 0.02 -21.09
CA LYS B 65 -40.40 0.60 -21.64
C LYS B 65 -40.32 0.84 -23.16
N ARG B 66 -39.15 0.80 -23.75
CA ARG B 66 -39.12 0.94 -25.18
C ARG B 66 -39.66 -0.30 -25.89
N ARG B 67 -39.56 -1.47 -25.27
CA ARG B 67 -39.79 -2.76 -25.95
C ARG B 67 -40.87 -3.64 -25.35
N ILE B 68 -41.61 -3.14 -24.37
CA ILE B 68 -42.51 -4.04 -23.64
C ILE B 68 -43.98 -3.65 -23.83
N SER B 69 -44.84 -4.65 -23.82
CA SER B 69 -46.26 -4.45 -23.94
C SER B 69 -47.03 -5.53 -23.12
N ILE B 70 -47.75 -5.07 -22.10
CA ILE B 70 -48.65 -5.92 -21.35
C ILE B 70 -50.08 -5.65 -21.81
N THR B 71 -50.80 -6.71 -22.14
CA THR B 71 -52.20 -6.65 -22.53
C THR B 71 -52.96 -7.66 -21.68
N ARG B 72 -54.28 -7.70 -21.82
CA ARG B 72 -55.10 -8.65 -21.06
C ARG B 72 -56.28 -9.14 -21.92
N ASP B 73 -56.90 -10.24 -21.51
CA ASP B 73 -58.12 -10.71 -22.16
C ASP B 73 -59.05 -11.18 -21.06
N THR B 74 -60.03 -10.36 -20.72
CA THR B 74 -60.83 -10.62 -19.52
C THR B 74 -61.86 -11.71 -19.77
N SER B 75 -62.01 -12.10 -21.01
CA SER B 75 -62.93 -13.14 -21.39
C SER B 75 -62.41 -14.51 -20.92
N LYS B 76 -61.13 -14.73 -21.21
CA LYS B 76 -60.37 -15.91 -20.82
C LYS B 76 -59.70 -15.74 -19.48
N ASN B 77 -59.82 -14.55 -18.86
CA ASN B 77 -59.15 -14.24 -17.58
C ASN B 77 -57.66 -14.54 -17.70
N GLN B 78 -57.04 -13.91 -18.70
CA GLN B 78 -55.63 -14.02 -18.94
C GLN B 78 -54.97 -12.65 -19.07
N PHE B 79 -53.67 -12.59 -18.76
CA PHE B 79 -52.86 -11.45 -19.14
C PHE B 79 -51.54 -11.91 -19.78
N PHE B 80 -50.98 -11.03 -20.62
CA PHE B 80 -49.97 -11.38 -21.59
C PHE B 80 -48.80 -10.44 -21.49
N LEU B 81 -47.62 -10.96 -21.82
CA LEU B 81 -46.40 -10.17 -21.98
C LEU B 81 -45.89 -10.29 -23.42
N GLN B 82 -45.33 -9.18 -23.90
CA GLN B 82 -44.65 -9.18 -25.15
C GLN B 82 -43.45 -8.30 -24.97
N LEU B 83 -42.28 -8.89 -25.20
CA LEU B 83 -41.01 -8.18 -25.13
C LEU B 83 -40.37 -8.25 -26.54
N ASN B 84 -40.26 -7.11 -27.22
CA ASN B 84 -39.68 -7.05 -28.58
C ASN B 84 -38.14 -7.02 -28.60
N SER B 85 -37.56 -7.33 -29.75
CA SER B 85 -36.11 -7.24 -29.98
C SER B 85 -35.25 -7.95 -28.94
N VAL B 86 -35.54 -9.22 -28.67
CA VAL B 86 -34.84 -9.90 -27.57
C VAL B 86 -33.41 -10.18 -27.94
N THR B 87 -32.48 -9.94 -27.02
CA THR B 87 -31.12 -10.41 -27.19
C THR B 87 -30.90 -11.52 -26.21
N THR B 88 -29.68 -12.03 -26.14
CA THR B 88 -29.39 -13.13 -25.23
C THR B 88 -29.40 -12.66 -23.80
N GLU B 89 -29.15 -11.38 -23.56
CA GLU B 89 -29.38 -10.83 -22.23
C GLU B 89 -30.80 -11.08 -21.72
N ASP B 90 -31.77 -11.29 -22.60
CA ASP B 90 -33.15 -11.45 -22.18
C ASP B 90 -33.47 -12.91 -21.78
N THR B 91 -32.43 -13.76 -21.77
CA THR B 91 -32.61 -15.11 -21.25
C THR B 91 -32.78 -15.07 -19.72
N ALA B 92 -33.92 -15.56 -19.24
CA ALA B 92 -34.21 -15.56 -17.82
C ALA B 92 -35.40 -16.45 -17.55
N THR B 93 -35.78 -16.60 -16.28
CA THR B 93 -37.02 -17.27 -15.93
C THR B 93 -38.09 -16.18 -15.70
N TYR B 94 -39.22 -16.29 -16.39
CA TYR B 94 -40.22 -15.24 -16.36
C TYR B 94 -41.28 -15.63 -15.39
N TYR B 95 -41.83 -14.66 -14.67
CA TYR B 95 -42.74 -14.90 -13.55
C TYR B 95 -43.94 -13.98 -13.60
N CYS B 96 -45.14 -14.54 -13.50
CA CYS B 96 -46.30 -13.68 -13.30
C CYS B 96 -46.66 -13.70 -11.80
N ALA B 97 -47.20 -12.57 -11.32
CA ALA B 97 -47.54 -12.40 -9.90
C ALA B 97 -48.65 -11.36 -9.68
N ARG B 98 -49.46 -11.64 -8.67
CA ARG B 98 -50.50 -10.74 -8.23
C ARG B 98 -50.01 -9.86 -7.09
N SER B 99 -50.40 -8.58 -7.12
CA SER B 99 -50.02 -7.65 -6.06
C SER B 99 -51.15 -6.72 -5.67
N ASP B 100 -51.06 -6.17 -4.46
CA ASP B 100 -51.74 -4.92 -4.11
C ASP B 100 -51.64 -3.94 -5.23
N TYR B 101 -52.74 -3.29 -5.57
CA TYR B 101 -52.61 -2.14 -6.43
C TYR B 101 -52.42 -0.96 -5.50
N GLY B 102 -51.18 -0.50 -5.40
CA GLY B 102 -50.84 0.55 -4.43
C GLY B 102 -50.65 -0.04 -3.04
N ASN B 103 -51.13 0.67 -2.03
CA ASN B 103 -50.74 0.42 -0.64
C ASN B 103 -49.38 -0.30 -0.45
N TYR B 104 -49.38 -1.55 0.00
CA TYR B 104 -48.15 -2.16 0.50
C TYR B 104 -47.27 -2.68 -0.62
N GLY B 105 -47.86 -2.86 -1.80
CA GLY B 105 -47.09 -3.31 -2.95
C GLY B 105 -46.43 -4.65 -2.69
N ARG B 106 -47.25 -5.65 -2.42
CA ARG B 106 -46.75 -6.96 -2.07
C ARG B 106 -47.28 -8.00 -3.07
N GLY B 107 -46.41 -8.90 -3.53
CA GLY B 107 -46.83 -9.95 -4.45
C GLY B 107 -47.35 -11.13 -3.67
N ASP B 108 -48.66 -11.30 -3.61
CA ASP B 108 -49.23 -12.34 -2.71
C ASP B 108 -49.40 -13.74 -3.34
N TYR B 109 -49.43 -13.80 -4.66
CA TYR B 109 -49.46 -15.05 -5.37
C TYR B 109 -48.53 -14.98 -6.58
N TRP B 110 -47.79 -16.06 -6.81
CA TRP B 110 -46.84 -16.14 -7.92
C TRP B 110 -47.08 -17.38 -8.75
N GLY B 111 -46.81 -17.29 -10.04
CA GLY B 111 -46.67 -18.50 -10.84
C GLY B 111 -45.39 -19.23 -10.47
N GLN B 112 -45.19 -20.44 -11.01
CA GLN B 112 -43.94 -21.14 -10.70
C GLN B 112 -42.74 -20.65 -11.50
N GLY B 113 -43.00 -19.85 -12.52
CA GLY B 113 -41.90 -19.40 -13.36
C GLY B 113 -41.86 -20.21 -14.63
N THR B 114 -41.32 -19.61 -15.68
CA THR B 114 -41.11 -20.29 -16.93
C THR B 114 -39.81 -19.78 -17.56
N SER B 115 -38.94 -20.71 -17.86
CA SER B 115 -37.62 -20.39 -18.35
C SER B 115 -37.71 -20.15 -19.84
N VAL B 116 -37.10 -19.07 -20.30
CA VAL B 116 -37.05 -18.73 -21.74
C VAL B 116 -35.62 -18.43 -22.11
N THR B 117 -35.22 -18.97 -23.27
CA THR B 117 -33.86 -18.83 -23.77
C THR B 117 -33.84 -18.08 -25.07
N VAL B 118 -32.91 -17.15 -25.17
CA VAL B 118 -32.68 -16.44 -26.41
C VAL B 118 -31.38 -16.93 -27.05
N SER B 119 -31.49 -17.77 -28.08
CA SER B 119 -30.32 -18.16 -28.90
C SER B 119 -30.77 -18.46 -30.35
N SER B 120 -29.84 -18.30 -31.28
CA SER B 120 -30.06 -18.76 -32.65
C SER B 120 -29.77 -20.26 -32.76
N ALA B 121 -29.09 -20.80 -31.75
CA ALA B 121 -28.74 -22.22 -31.70
C ALA B 121 -29.92 -23.15 -31.99
N LYS B 122 -29.69 -24.13 -32.86
CA LYS B 122 -30.75 -25.06 -33.29
C LYS B 122 -31.17 -26.04 -32.19
N THR B 123 -32.48 -26.30 -32.09
CA THR B 123 -33.00 -27.36 -31.23
C THR B 123 -32.36 -28.73 -31.57
N THR B 124 -31.98 -29.48 -30.53
CA THR B 124 -31.33 -30.78 -30.72
C THR B 124 -31.81 -31.81 -29.70
N PRO B 125 -32.03 -33.06 -30.15
CA PRO B 125 -32.36 -34.10 -29.18
C PRO B 125 -31.11 -34.60 -28.48
N PRO B 126 -31.27 -35.15 -27.27
CA PRO B 126 -30.13 -35.66 -26.55
C PRO B 126 -29.67 -36.99 -27.07
N SER B 127 -28.45 -37.34 -26.69
CA SER B 127 -27.96 -38.70 -26.75
C SER B 127 -28.05 -39.16 -25.29
N VAL B 128 -28.57 -40.36 -25.09
CA VAL B 128 -28.70 -40.94 -23.75
C VAL B 128 -27.80 -42.17 -23.56
N TYR B 129 -26.90 -42.13 -22.58
CA TYR B 129 -25.90 -43.18 -22.41
C TYR B 129 -26.02 -43.83 -21.05
N PRO B 130 -26.04 -45.16 -21.02
CA PRO B 130 -26.19 -45.85 -19.75
C PRO B 130 -24.90 -45.76 -18.99
N LEU B 131 -25.00 -45.81 -17.66
CA LEU B 131 -23.81 -45.84 -16.79
C LEU B 131 -23.87 -47.01 -15.83
N ALA B 132 -23.21 -48.11 -16.21
CA ALA B 132 -23.10 -49.32 -15.40
C ALA B 132 -21.66 -49.52 -14.92
N PRO B 133 -21.49 -50.15 -13.75
CA PRO B 133 -20.16 -50.43 -13.24
C PRO B 133 -19.30 -51.20 -14.23
N GLY B 134 -18.01 -50.88 -14.30
CA GLY B 134 -17.03 -51.66 -15.07
C GLY B 134 -17.00 -53.07 -14.54
N CYS B 135 -16.88 -54.03 -15.44
CA CYS B 135 -17.14 -55.42 -15.09
C CYS B 135 -16.27 -55.96 -13.93
N GLY B 136 -15.06 -55.42 -13.77
CA GLY B 136 -14.19 -55.82 -12.65
C GLY B 136 -14.66 -55.29 -11.30
N ASP B 137 -15.38 -54.18 -11.34
CA ASP B 137 -15.80 -53.45 -10.14
C ASP B 137 -16.85 -54.22 -9.33
N THR B 138 -16.40 -55.27 -8.63
CA THR B 138 -17.27 -56.02 -7.73
C THR B 138 -17.68 -55.04 -6.59
N THR B 139 -18.94 -55.09 -6.19
CA THR B 139 -19.53 -54.04 -5.34
C THR B 139 -20.02 -54.59 -3.98
N GLY B 140 -20.76 -53.79 -3.23
CA GLY B 140 -21.25 -54.23 -1.92
C GLY B 140 -22.73 -54.00 -1.72
N SER B 141 -23.05 -53.39 -0.58
CA SER B 141 -24.39 -53.34 0.00
C SER B 141 -25.49 -52.86 -0.95
N SER B 142 -25.16 -51.91 -1.82
CA SER B 142 -26.09 -51.49 -2.88
C SER B 142 -25.30 -50.95 -4.08
N VAL B 143 -26.04 -50.54 -5.11
CA VAL B 143 -25.45 -50.25 -6.41
C VAL B 143 -25.97 -48.94 -6.92
N THR B 144 -25.08 -48.13 -7.52
CA THR B 144 -25.49 -46.93 -8.19
C THR B 144 -25.38 -47.10 -9.67
N SER B 145 -26.37 -46.62 -10.38
CA SER B 145 -26.35 -46.63 -11.83
C SER B 145 -26.74 -45.24 -12.25
N GLY B 146 -26.57 -44.94 -13.53
CA GLY B 146 -26.95 -43.62 -14.06
C GLY B 146 -27.17 -43.50 -15.56
N CYS B 147 -27.74 -42.37 -15.97
CA CYS B 147 -27.86 -41.95 -17.37
C CYS B 147 -27.02 -40.72 -17.63
N LEU B 148 -26.41 -40.68 -18.79
CA LEU B 148 -25.77 -39.46 -19.24
C LEU B 148 -26.56 -38.94 -20.44
N VAL B 149 -27.12 -37.75 -20.28
CA VAL B 149 -27.86 -37.08 -21.33
C VAL B 149 -26.95 -35.98 -21.89
N LYS B 150 -26.48 -36.13 -23.11
CA LYS B 150 -25.43 -35.27 -23.63
C LYS B 150 -25.83 -34.67 -24.95
N GLY B 151 -25.29 -33.49 -25.22
CA GLY B 151 -25.39 -32.89 -26.56
C GLY B 151 -26.79 -32.47 -26.96
N TYR B 152 -27.51 -31.80 -26.05
CA TYR B 152 -28.88 -31.37 -26.35
C TYR B 152 -29.09 -29.88 -26.15
N PHE B 153 -30.19 -29.40 -26.73
CA PHE B 153 -30.55 -27.99 -26.71
C PHE B 153 -31.97 -27.83 -27.16
N PRO B 154 -32.74 -26.98 -26.49
CA PRO B 154 -32.41 -26.26 -25.28
C PRO B 154 -32.64 -27.10 -24.02
N GLU B 155 -32.43 -26.50 -22.86
CA GLU B 155 -32.92 -27.09 -21.62
C GLU B 155 -34.44 -26.94 -21.69
N SER B 156 -35.26 -27.81 -21.07
CA SER B 156 -34.89 -28.79 -20.06
C SER B 156 -35.10 -30.24 -20.48
N VAL B 157 -34.76 -31.15 -19.58
CA VAL B 157 -34.86 -32.58 -19.80
C VAL B 157 -35.45 -33.20 -18.53
N THR B 158 -36.40 -34.12 -18.69
CA THR B 158 -36.85 -34.93 -17.54
C THR B 158 -36.27 -36.31 -17.64
N VAL B 159 -35.67 -36.78 -16.55
CA VAL B 159 -35.18 -38.16 -16.46
C VAL B 159 -35.95 -38.88 -15.36
N THR B 160 -36.65 -39.96 -15.70
CA THR B 160 -37.32 -40.79 -14.71
C THR B 160 -36.80 -42.25 -14.76
N TRP B 161 -36.83 -42.91 -13.60
CA TRP B 161 -36.32 -44.28 -13.48
C TRP B 161 -37.38 -45.30 -13.05
N ASN B 162 -37.29 -46.50 -13.61
CA ASN B 162 -38.03 -47.68 -13.13
C ASN B 162 -37.08 -48.86 -12.88
N SER B 163 -37.41 -49.69 -11.88
CA SER B 163 -36.54 -50.78 -11.37
C SER B 163 -37.31 -51.97 -10.72
N GLY B 164 -38.07 -51.66 -9.68
CA GLY B 164 -38.74 -52.64 -8.82
C GLY B 164 -38.97 -52.04 -7.45
N SER B 165 -37.90 -51.61 -6.79
CA SER B 165 -37.97 -51.10 -5.40
C SER B 165 -38.22 -49.59 -5.31
N LEU B 166 -39.18 -49.22 -4.44
CA LEU B 166 -39.40 -47.82 -3.99
C LEU B 166 -38.37 -47.36 -2.93
N SER B 167 -37.40 -48.24 -2.60
CA SER B 167 -36.10 -47.86 -1.94
C SER B 167 -35.05 -47.48 -3.00
N SER B 168 -35.47 -46.60 -3.92
CA SER B 168 -34.62 -46.04 -4.95
C SER B 168 -34.43 -44.52 -4.73
N SER B 169 -33.21 -44.13 -4.32
CA SER B 169 -32.84 -42.71 -4.20
C SER B 169 -32.26 -42.23 -5.54
N VAL B 170 -32.81 -41.14 -6.05
CA VAL B 170 -32.35 -40.57 -7.29
C VAL B 170 -31.61 -39.27 -6.99
N HIS B 171 -30.75 -38.89 -7.90
CA HIS B 171 -30.20 -37.56 -7.94
C HIS B 171 -30.23 -37.09 -9.38
N THR B 172 -30.55 -35.82 -9.59
CA THR B 172 -30.48 -35.23 -10.92
C THR B 172 -29.55 -34.07 -10.90
N PHE B 173 -28.52 -34.10 -11.71
CA PHE B 173 -27.51 -33.05 -11.69
C PHE B 173 -27.86 -31.95 -12.73
N PRO B 174 -27.78 -30.69 -12.34
CA PRO B 174 -28.11 -29.62 -13.25
C PRO B 174 -27.26 -29.65 -14.50
N ALA B 175 -27.83 -29.28 -15.64
CA ALA B 175 -27.14 -29.39 -16.92
C ALA B 175 -26.10 -28.33 -17.07
N LEU B 176 -25.17 -28.54 -17.98
CA LEU B 176 -24.12 -27.59 -18.26
C LEU B 176 -23.83 -27.52 -19.75
N LEU B 177 -23.49 -26.31 -20.21
CA LEU B 177 -23.13 -26.08 -21.59
C LEU B 177 -21.76 -26.63 -21.80
N GLN B 178 -21.69 -27.66 -22.64
CA GLN B 178 -20.44 -28.21 -23.17
C GLN B 178 -20.32 -27.78 -24.62
N SER B 179 -19.57 -26.70 -24.85
CA SER B 179 -19.32 -26.12 -26.19
C SER B 179 -20.61 -26.05 -27.02
N GLY B 180 -21.45 -25.06 -26.71
CA GLY B 180 -22.67 -24.83 -27.46
C GLY B 180 -23.87 -25.69 -27.06
N LEU B 181 -23.62 -26.94 -26.65
CA LEU B 181 -24.70 -27.87 -26.32
C LEU B 181 -24.67 -28.26 -24.86
N TYR B 182 -25.83 -28.66 -24.35
CA TYR B 182 -25.98 -28.98 -22.95
C TYR B 182 -25.63 -30.42 -22.66
N THR B 183 -25.31 -30.67 -21.39
CA THR B 183 -25.08 -32.03 -20.89
C THR B 183 -25.46 -32.13 -19.41
N MET B 184 -26.19 -33.21 -19.08
CA MET B 184 -26.70 -33.43 -17.75
C MET B 184 -26.53 -34.89 -17.41
N SER B 185 -26.85 -35.27 -16.18
CA SER B 185 -26.73 -36.65 -15.79
C SER B 185 -27.60 -36.93 -14.59
N SER B 186 -27.86 -38.21 -14.37
CA SER B 186 -28.67 -38.62 -13.24
C SER B 186 -28.18 -39.97 -12.68
N SER B 187 -28.33 -40.11 -11.36
CA SER B 187 -27.92 -41.30 -10.67
C SER B 187 -29.12 -41.92 -10.01
N VAL B 188 -29.06 -43.24 -9.84
CA VAL B 188 -30.03 -43.94 -9.02
C VAL B 188 -29.25 -44.96 -8.20
N THR B 189 -29.75 -45.24 -7.01
CA THR B 189 -29.17 -46.26 -6.16
C THR B 189 -30.24 -47.26 -5.79
N VAL B 190 -29.84 -48.53 -5.76
CA VAL B 190 -30.75 -49.63 -5.55
C VAL B 190 -30.02 -50.67 -4.72
N PRO B 191 -30.75 -51.47 -3.93
CA PRO B 191 -30.11 -52.60 -3.25
C PRO B 191 -29.39 -53.48 -4.25
N SER B 192 -28.22 -53.98 -3.86
CA SER B 192 -27.34 -54.70 -4.78
C SER B 192 -27.93 -56.07 -5.08
N SER B 193 -28.87 -56.51 -4.26
CA SER B 193 -29.67 -57.72 -4.52
C SER B 193 -30.81 -57.56 -5.54
N THR B 194 -31.16 -56.34 -5.93
CA THR B 194 -32.21 -56.12 -6.93
C THR B 194 -31.67 -55.97 -8.35
N TRP B 195 -30.35 -55.90 -8.49
CA TRP B 195 -29.73 -55.70 -9.80
C TRP B 195 -28.44 -56.52 -9.88
N PRO B 196 -28.22 -57.20 -11.02
CA PRO B 196 -28.96 -57.12 -12.29
C PRO B 196 -30.24 -57.97 -12.36
N SER B 197 -30.63 -58.61 -11.25
CA SER B 197 -31.87 -59.37 -11.24
C SER B 197 -33.02 -58.56 -11.87
N GLU B 198 -33.53 -57.56 -11.13
CA GLU B 198 -34.64 -56.73 -11.60
C GLU B 198 -34.16 -55.65 -12.55
N THR B 199 -34.64 -55.72 -13.79
CA THR B 199 -34.28 -54.79 -14.85
C THR B 199 -34.37 -53.32 -14.40
N VAL B 200 -33.43 -52.50 -14.83
CA VAL B 200 -33.46 -51.05 -14.57
C VAL B 200 -33.27 -50.25 -15.84
N THR B 201 -34.15 -49.29 -16.04
CA THR B 201 -34.16 -48.53 -17.24
C THR B 201 -34.47 -47.10 -16.88
N CYS B 202 -33.86 -46.16 -17.60
CA CYS B 202 -34.23 -44.77 -17.44
C CYS B 202 -35.04 -44.26 -18.63
N SER B 203 -35.73 -43.14 -18.41
CA SER B 203 -36.53 -42.51 -19.45
C SER B 203 -36.18 -41.03 -19.52
N VAL B 204 -35.72 -40.59 -20.68
CA VAL B 204 -35.24 -39.24 -20.84
C VAL B 204 -36.11 -38.53 -21.84
N ALA B 205 -36.96 -37.62 -21.37
CA ALA B 205 -37.88 -36.88 -22.23
C ALA B 205 -37.31 -35.51 -22.52
N HIS B 206 -37.26 -35.15 -23.81
CA HIS B 206 -36.89 -33.80 -24.26
C HIS B 206 -38.01 -33.20 -25.09
N PRO B 207 -38.85 -32.34 -24.48
CA PRO B 207 -40.00 -31.76 -25.19
C PRO B 207 -39.66 -30.85 -26.38
N ALA B 208 -38.70 -29.94 -26.25
CA ALA B 208 -38.35 -29.00 -27.34
C ALA B 208 -38.10 -29.70 -28.68
N SER B 209 -37.54 -30.89 -28.58
CA SER B 209 -37.33 -31.78 -29.73
C SER B 209 -38.45 -32.84 -29.79
N SER B 210 -39.41 -32.75 -28.86
CA SER B 210 -40.44 -33.77 -28.62
C SER B 210 -39.89 -35.19 -28.81
N THR B 211 -39.05 -35.60 -27.87
CA THR B 211 -38.40 -36.91 -27.92
C THR B 211 -38.30 -37.56 -26.54
N THR B 212 -38.34 -38.90 -26.55
CA THR B 212 -38.20 -39.72 -25.36
C THR B 212 -37.39 -40.97 -25.69
N VAL B 213 -36.26 -41.18 -25.03
CA VAL B 213 -35.58 -42.47 -25.12
C VAL B 213 -35.58 -43.15 -23.76
N ASP B 214 -35.48 -44.48 -23.80
CA ASP B 214 -35.43 -45.31 -22.60
C ASP B 214 -34.22 -46.22 -22.73
N LYS B 215 -33.25 -46.06 -21.84
CA LYS B 215 -32.11 -46.96 -21.85
C LYS B 215 -32.23 -47.92 -20.71
N LYS B 216 -32.17 -49.20 -21.06
CA LYS B 216 -31.92 -50.23 -20.07
C LYS B 216 -30.45 -50.16 -19.67
N LEU B 217 -30.17 -50.66 -18.47
CA LEU B 217 -28.84 -50.66 -17.92
C LEU B 217 -28.39 -52.09 -17.72
N GLU B 218 -27.39 -52.47 -18.50
CA GLU B 218 -26.89 -53.84 -18.50
C GLU B 218 -25.61 -53.96 -17.64
N PRO B 219 -25.39 -55.13 -17.01
CA PRO B 219 -24.13 -55.43 -16.29
C PRO B 219 -22.86 -55.65 -17.14
N ASP C 1 30.34 54.23 10.31
CA ASP C 1 30.04 52.90 10.88
C ASP C 1 30.67 52.79 12.23
N ILE C 2 29.86 52.49 13.24
CA ILE C 2 30.44 52.32 14.54
C ILE C 2 31.26 51.05 14.41
N GLN C 3 32.54 51.13 14.78
CA GLN C 3 33.41 49.95 14.81
C GLN C 3 33.31 49.29 16.20
N MET C 4 33.04 47.97 16.21
CA MET C 4 33.02 47.14 17.43
C MET C 4 34.25 46.24 17.52
N THR C 5 34.78 46.08 18.73
CA THR C 5 36.05 45.41 18.95
C THR C 5 35.94 44.49 20.16
N GLN C 6 36.13 43.20 19.93
CA GLN C 6 36.29 42.27 21.03
C GLN C 6 37.79 41.96 21.05
N THR C 7 38.52 42.57 21.96
CA THR C 7 39.97 42.43 21.97
C THR C 7 40.42 40.98 22.18
N THR C 8 39.58 40.14 22.79
CA THR C 8 39.92 38.74 22.88
C THR C 8 39.06 37.94 21.96
N SER C 9 39.71 37.08 21.19
CA SER C 9 39.04 36.20 20.25
C SER C 9 39.11 34.76 20.68
N SER C 10 39.97 34.42 21.65
CA SER C 10 40.07 33.05 22.20
C SER C 10 39.91 33.04 23.69
N LEU C 11 39.19 32.06 24.19
CA LEU C 11 38.91 32.01 25.61
C LEU C 11 38.73 30.58 26.02
N SER C 12 39.37 30.18 27.11
CA SER C 12 39.30 28.82 27.54
C SER C 12 39.10 28.76 29.06
N ALA C 13 38.13 27.99 29.52
CA ALA C 13 37.81 27.88 30.94
C ALA C 13 37.13 26.56 31.27
N SER C 14 37.16 26.20 32.56
CA SER C 14 36.65 24.94 33.07
C SER C 14 35.16 25.03 33.27
N LEU C 15 34.50 23.87 33.25
CA LEU C 15 33.07 23.83 33.56
C LEU C 15 32.84 24.42 34.95
N GLY C 16 31.70 25.05 35.13
CA GLY C 16 31.42 25.73 36.40
C GLY C 16 32.01 27.12 36.54
N ASP C 17 33.00 27.47 35.72
CA ASP C 17 33.63 28.79 35.83
C ASP C 17 32.73 29.93 35.42
N ARG C 18 33.25 31.12 35.69
CA ARG C 18 32.68 32.37 35.24
C ARG C 18 33.63 32.98 34.25
N VAL C 19 33.10 33.51 33.18
CA VAL C 19 33.94 34.02 32.11
C VAL C 19 33.34 35.32 31.63
N THR C 20 34.21 36.29 31.33
CA THR C 20 33.75 37.54 30.78
C THR C 20 34.25 37.70 29.38
N ILE C 21 33.36 38.10 28.48
CA ILE C 21 33.76 38.51 27.14
C ILE C 21 33.47 40.00 27.02
N SER C 22 34.45 40.76 26.58
CA SER C 22 34.30 42.21 26.57
C SER C 22 34.09 42.77 25.14
N CYS C 23 33.38 43.89 25.06
CA CYS C 23 33.07 44.51 23.78
C CYS C 23 33.22 46.03 23.86
N ARG C 24 33.86 46.60 22.85
CA ARG C 24 34.15 48.03 22.83
C ARG C 24 33.73 48.70 21.53
N ALA C 25 33.14 49.89 21.65
CA ALA C 25 32.59 50.63 20.52
C ALA C 25 33.40 51.88 20.17
N SER C 26 33.52 52.16 18.88
CA SER C 26 34.24 53.35 18.44
C SER C 26 33.65 54.67 19.04
N GLN C 27 32.36 54.67 19.38
CA GLN C 27 31.74 55.83 19.95
C GLN C 27 30.63 55.43 20.88
N ASP C 28 30.21 56.33 21.76
CA ASP C 28 29.10 56.08 22.67
C ASP C 28 27.90 55.50 21.94
N ILE C 29 27.40 54.38 22.46
CA ILE C 29 26.24 53.73 21.90
C ILE C 29 25.10 53.58 22.92
N SER C 30 25.22 54.22 24.06
CA SER C 30 24.07 54.41 24.93
C SER C 30 23.30 53.16 25.27
N ASN C 31 24.00 52.07 25.53
CA ASN C 31 23.38 50.84 26.06
C ASN C 31 22.64 49.94 25.06
N TYR C 32 22.45 50.40 23.82
CA TYR C 32 21.99 49.55 22.73
C TYR C 32 23.12 48.63 22.29
N LEU C 33 23.31 47.60 23.09
CA LEU C 33 24.19 46.49 22.74
C LEU C 33 23.45 45.16 22.85
N ASN C 34 23.67 44.30 21.85
CA ASN C 34 23.10 42.98 21.84
C ASN C 34 24.18 41.94 21.76
N TRP C 35 23.89 40.76 22.29
CA TRP C 35 24.86 39.67 22.32
C TRP C 35 24.23 38.45 21.71
N TYR C 36 24.99 37.84 20.79
CA TYR C 36 24.57 36.70 20.02
C TYR C 36 25.51 35.53 20.22
N GLN C 37 24.95 34.32 20.28
CA GLN C 37 25.75 33.10 20.33
C GLN C 37 25.63 32.35 19.04
N GLN C 38 26.76 32.10 18.38
CA GLN C 38 26.80 31.24 17.21
C GLN C 38 27.46 29.89 17.56
N LYS C 39 26.74 28.81 17.28
CA LYS C 39 27.23 27.46 17.54
C LYS C 39 28.06 27.02 16.36
N PRO C 40 28.93 26.05 16.56
CA PRO C 40 29.83 25.65 15.47
C PRO C 40 29.09 25.25 14.21
N ASP C 41 27.90 24.71 14.35
CA ASP C 41 27.08 24.43 13.18
C ASP C 41 26.56 25.69 12.51
N GLY C 42 26.78 26.86 13.12
CA GLY C 42 26.40 28.11 12.50
C GLY C 42 25.00 28.62 12.81
N THR C 43 24.25 27.92 13.66
CA THR C 43 22.99 28.46 14.09
C THR C 43 23.30 29.63 15.02
N VAL C 44 22.46 30.66 14.98
CA VAL C 44 22.70 31.91 15.72
C VAL C 44 21.55 32.23 16.67
N LYS C 45 21.87 32.66 17.87
CA LYS C 45 20.85 32.93 18.86
C LYS C 45 21.17 34.18 19.63
N LEU C 46 20.14 34.96 19.89
CA LEU C 46 20.28 36.19 20.66
C LEU C 46 20.32 35.79 22.13
N LEU C 47 21.23 36.38 22.88
CA LEU C 47 21.33 36.08 24.30
C LEU C 47 20.74 37.17 25.19
N ILE C 48 21.25 38.38 24.96
CA ILE C 48 20.94 39.53 25.79
C ILE C 48 20.81 40.75 24.89
N TYR C 49 19.82 41.58 25.19
CA TYR C 49 19.66 42.81 24.45
C TYR C 49 19.70 44.02 25.40
N TYR C 50 20.02 45.17 24.80
CA TYR C 50 20.06 46.44 25.49
C TYR C 50 20.93 46.29 26.70
N THR C 51 22.21 46.02 26.46
CA THR C 51 23.24 45.76 27.49
C THR C 51 22.96 44.56 28.43
N SER C 52 21.86 44.59 29.17
CA SER C 52 21.63 43.62 30.21
C SER C 52 20.37 42.77 30.14
N ARG C 53 19.40 43.07 29.29
CA ARG C 53 18.15 42.25 29.28
C ARG C 53 18.26 40.87 28.60
N LEU C 54 17.73 39.85 29.28
CA LEU C 54 17.69 38.47 28.81
C LEU C 54 16.57 38.22 27.81
N HIS C 55 16.93 37.72 26.64
CA HIS C 55 15.96 37.23 25.68
C HIS C 55 15.23 36.06 26.32
N SER C 56 13.90 36.07 26.19
CA SER C 56 13.06 34.92 26.51
C SER C 56 13.70 33.60 26.13
N GLY C 57 13.85 32.71 27.11
CA GLY C 57 14.47 31.38 26.93
C GLY C 57 15.87 31.24 27.54
N VAL C 58 16.68 32.29 27.37
CA VAL C 58 18.09 32.35 27.79
C VAL C 58 18.27 32.21 29.30
N PRO C 59 19.08 31.21 29.72
CA PRO C 59 19.47 31.01 31.12
C PRO C 59 19.98 32.27 31.84
N SER C 60 19.52 32.46 33.08
CA SER C 60 19.94 33.59 33.92
C SER C 60 21.44 33.60 34.17
N ARG C 61 22.10 32.45 34.04
CA ARG C 61 23.55 32.40 34.18
C ARG C 61 24.26 33.23 33.10
N PHE C 62 23.46 33.77 32.18
CA PHE C 62 23.91 34.78 31.20
C PHE C 62 23.53 36.20 31.64
N SER C 63 24.49 37.10 31.60
CA SER C 63 24.25 38.47 32.02
C SER C 63 25.20 39.45 31.32
N GLY C 64 24.77 40.70 31.23
CA GLY C 64 25.56 41.72 30.58
C GLY C 64 25.57 43.03 31.32
N SER C 65 26.63 43.80 31.13
CA SER C 65 26.86 45.05 31.84
C SER C 65 27.51 46.04 30.88
N GLY C 66 27.43 47.32 31.18
CA GLY C 66 28.20 48.29 30.41
C GLY C 66 27.55 49.62 30.20
N SER C 67 28.37 50.60 29.85
CA SER C 67 27.88 51.93 29.45
C SER C 67 28.84 52.56 28.48
N GLY C 68 28.40 53.67 27.89
CA GLY C 68 29.22 54.43 26.95
C GLY C 68 29.74 53.58 25.80
N THR C 69 31.05 53.41 25.77
CA THR C 69 31.70 52.64 24.74
C THR C 69 32.09 51.22 25.16
N ASP C 70 32.03 50.91 26.45
CA ASP C 70 32.57 49.67 26.98
C ASP C 70 31.49 48.79 27.55
N TYR C 71 31.46 47.54 27.11
CA TYR C 71 30.45 46.59 27.50
C TYR C 71 31.08 45.23 27.73
N SER C 72 30.39 44.36 28.48
CA SER C 72 30.84 42.99 28.76
C SER C 72 29.69 41.98 28.92
N LEU C 73 29.86 40.80 28.34
CA LEU C 73 29.00 39.62 28.62
C LEU C 73 29.62 38.72 29.70
N THR C 74 28.77 38.21 30.59
CA THR C 74 29.23 37.31 31.64
C THR C 74 28.43 35.99 31.72
N ILE C 75 29.13 34.94 31.35
CA ILE C 75 28.63 33.59 31.47
C ILE C 75 29.22 33.03 32.76
N SER C 76 28.36 32.54 33.63
CA SER C 76 28.84 31.94 34.86
C SER C 76 28.30 30.54 34.85
N ASN C 77 28.71 29.72 35.84
CA ASN C 77 28.36 28.30 35.92
C ASN C 77 28.39 27.71 34.54
N LEU C 78 29.59 27.68 34.01
CA LEU C 78 29.81 27.46 32.60
C LEU C 78 29.41 26.04 32.27
N ASP C 79 28.98 25.82 31.04
CA ASP C 79 28.32 24.62 30.69
C ASP C 79 28.88 23.97 29.43
N GLN C 80 28.83 22.64 29.36
CA GLN C 80 29.27 21.90 28.16
C GLN C 80 28.64 22.44 26.87
N ASP C 81 27.40 22.92 26.99
CA ASP C 81 26.65 23.40 25.85
C ASP C 81 27.08 24.79 25.41
N ASP C 82 27.97 25.43 26.16
CA ASP C 82 28.31 26.81 25.92
C ASP C 82 29.45 26.98 24.97
N ILE C 83 30.01 25.88 24.45
CA ILE C 83 31.01 25.91 23.36
C ILE C 83 30.37 26.63 22.16
N ALA C 84 30.79 27.87 21.92
CA ALA C 84 30.33 28.68 20.79
C ALA C 84 31.21 29.89 20.61
N THR C 85 30.86 30.73 19.63
CA THR C 85 31.52 32.03 19.46
C THR C 85 30.53 33.13 19.80
N TYR C 86 30.98 34.11 20.57
CA TYR C 86 30.05 35.12 21.08
C TYR C 86 30.31 36.48 20.46
N PHE C 87 29.23 37.06 19.98
CA PHE C 87 29.27 38.23 19.14
C PHE C 87 28.49 39.31 19.82
N CYS C 88 29.07 40.51 19.85
CA CYS C 88 28.32 41.70 20.32
C CYS C 88 27.88 42.56 19.15
N GLN C 89 26.66 43.11 19.24
CA GLN C 89 26.14 43.97 18.15
C GLN C 89 25.61 45.32 18.62
N GLN C 90 26.09 46.42 18.02
CA GLN C 90 25.53 47.76 18.32
C GLN C 90 24.25 48.03 17.54
N GLY C 91 23.22 48.45 18.27
CA GLY C 91 21.89 48.71 17.72
C GLY C 91 21.43 50.15 17.87
N THR C 92 22.35 51.09 17.66
CA THR C 92 22.02 52.49 17.86
C THR C 92 21.88 53.27 16.59
N THR C 93 22.66 52.93 15.57
CA THR C 93 22.58 53.59 14.26
C THR C 93 22.69 52.53 13.21
N LEU C 94 22.21 52.82 12.01
CA LEU C 94 22.47 51.95 10.87
C LEU C 94 23.80 52.37 10.26
N PRO C 95 24.52 51.41 9.63
CA PRO C 95 24.19 49.97 9.64
C PRO C 95 24.52 49.39 11.01
N PRO C 96 23.83 48.34 11.42
CA PRO C 96 24.23 47.66 12.61
C PRO C 96 25.55 47.04 12.32
N THR C 97 26.39 46.97 13.35
CA THR C 97 27.74 46.48 13.19
C THR C 97 28.07 45.54 14.33
N PHE C 98 28.81 44.48 14.01
CA PHE C 98 29.08 43.40 14.94
C PHE C 98 30.52 43.33 15.30
N GLY C 99 30.84 42.69 16.40
CA GLY C 99 32.23 42.48 16.76
C GLY C 99 32.84 41.35 15.96
N GLY C 100 34.10 41.06 16.27
CA GLY C 100 34.83 40.02 15.56
C GLY C 100 34.56 38.64 16.11
N GLY C 101 33.95 38.59 17.30
CA GLY C 101 33.63 37.33 17.96
C GLY C 101 34.70 36.91 18.96
N THR C 102 34.26 36.17 20.00
CA THR C 102 35.15 35.42 20.89
C THR C 102 34.76 33.94 20.97
N LYS C 103 35.71 33.09 20.53
CA LYS C 103 35.57 31.65 20.60
C LYS C 103 35.83 31.26 22.04
N LEU C 104 34.94 30.41 22.53
CA LEU C 104 35.05 29.87 23.87
C LEU C 104 35.27 28.34 23.82
N GLU C 105 36.43 27.93 24.28
CA GLU C 105 36.75 26.50 24.45
C GLU C 105 36.48 26.05 25.91
N ILE C 106 35.82 24.92 26.11
CA ILE C 106 35.75 24.35 27.46
C ILE C 106 37.00 23.51 27.76
N LYS C 107 37.56 23.74 28.95
CA LYS C 107 38.69 22.93 29.41
C LYS C 107 38.24 21.50 29.67
N ARG C 108 39.24 20.64 29.82
CA ARG C 108 39.07 19.20 29.79
C ARG C 108 40.36 18.58 30.32
N ALA C 109 40.27 17.38 30.91
CA ALA C 109 41.48 16.62 31.28
C ALA C 109 42.33 16.34 30.04
N ASP C 110 43.66 16.44 30.14
CA ASP C 110 44.54 16.11 29.00
C ASP C 110 44.23 14.71 28.46
N ALA C 111 44.41 14.55 27.15
CA ALA C 111 44.04 13.32 26.44
C ALA C 111 44.97 13.07 25.24
N ALA C 112 45.57 11.90 25.18
CA ALA C 112 46.47 11.57 24.07
C ALA C 112 45.66 11.08 22.84
N PRO C 113 46.11 11.45 21.64
CA PRO C 113 45.34 11.10 20.45
C PRO C 113 45.40 9.65 20.10
N THR C 114 44.29 9.07 19.65
CA THR C 114 44.33 7.74 19.06
C THR C 114 44.65 7.88 17.57
N VAL C 115 45.83 7.37 17.18
CA VAL C 115 46.35 7.55 15.83
C VAL C 115 46.23 6.33 14.95
N SER C 116 45.85 6.55 13.70
CA SER C 116 45.69 5.50 12.71
C SER C 116 46.25 6.00 11.36
N ILE C 117 47.08 5.20 10.71
CA ILE C 117 47.53 5.46 9.33
C ILE C 117 46.86 4.49 8.33
N PHE C 118 46.61 4.99 7.12
CA PHE C 118 45.96 4.21 6.06
C PHE C 118 46.68 4.41 4.75
N PRO C 119 46.94 3.30 4.03
CA PRO C 119 47.59 3.40 2.75
C PRO C 119 46.62 3.79 1.65
N PRO C 120 47.15 4.14 0.46
CA PRO C 120 46.29 4.36 -0.69
C PRO C 120 45.39 3.17 -0.98
N SER C 121 44.19 3.45 -1.46
CA SER C 121 43.26 2.42 -1.81
C SER C 121 43.66 1.93 -3.17
N SER C 122 43.17 0.73 -3.46
CA SER C 122 43.36 0.11 -4.74
C SER C 122 42.84 0.99 -5.86
N GLU C 123 41.67 1.58 -5.62
CA GLU C 123 40.96 2.33 -6.62
C GLU C 123 41.70 3.60 -7.03
N GLN C 124 42.10 4.39 -6.03
CA GLN C 124 42.86 5.61 -6.28
C GLN C 124 44.14 5.33 -7.06
N LEU C 125 44.78 4.21 -6.76
CA LEU C 125 46.05 3.88 -7.40
C LEU C 125 45.88 3.57 -8.89
N THR C 126 44.76 2.96 -9.22
CA THR C 126 44.38 2.83 -10.62
C THR C 126 44.31 4.22 -11.24
N SER C 127 43.70 5.16 -10.53
CA SER C 127 43.53 6.53 -11.02
C SER C 127 44.86 7.27 -11.16
N GLY C 128 45.95 6.69 -10.66
CA GLY C 128 47.31 7.25 -10.82
C GLY C 128 47.80 8.17 -9.71
N GLY C 129 46.97 8.35 -8.70
CA GLY C 129 47.33 9.16 -7.54
C GLY C 129 47.56 8.24 -6.38
N ALA C 130 48.05 8.78 -5.28
CA ALA C 130 48.29 8.00 -4.08
C ALA C 130 48.28 8.93 -2.89
N SER C 131 47.36 8.70 -1.94
CA SER C 131 47.26 9.54 -0.76
C SER C 131 47.32 8.72 0.48
N VAL C 132 48.24 9.06 1.37
CA VAL C 132 48.35 8.36 2.65
C VAL C 132 47.70 9.22 3.71
N VAL C 133 46.89 8.60 4.55
CA VAL C 133 46.04 9.39 5.43
C VAL C 133 46.26 9.00 6.83
N CYS C 134 46.05 9.95 7.73
CA CYS C 134 46.31 9.73 9.13
C CYS C 134 45.28 10.43 9.99
N PHE C 135 44.55 9.66 10.76
CA PHE C 135 43.65 10.25 11.72
C PHE C 135 44.39 10.35 13.02
N LEU C 136 44.11 11.40 13.78
CA LEU C 136 44.61 11.53 15.15
C LEU C 136 43.41 11.96 15.95
N ASN C 137 42.77 11.01 16.62
CA ASN C 137 41.44 11.26 17.14
C ASN C 137 41.39 11.61 18.63
N ASN C 138 40.40 12.42 19.01
CA ASN C 138 40.02 12.62 20.41
C ASN C 138 41.13 13.01 21.34
N PHE C 139 41.69 14.20 21.13
CA PHE C 139 42.80 14.64 21.97
C PHE C 139 42.55 15.98 22.58
N TYR C 140 43.29 16.29 23.64
CA TYR C 140 43.28 17.58 24.29
C TYR C 140 44.65 17.81 24.94
N PRO C 141 45.21 19.04 24.83
CA PRO C 141 44.58 20.18 24.20
C PRO C 141 44.66 20.07 22.68
N LYS C 142 44.12 21.07 22.00
CA LYS C 142 44.08 21.11 20.54
C LYS C 142 45.46 21.16 19.91
N ASP C 143 46.42 21.72 20.64
CA ASP C 143 47.76 21.92 20.09
C ASP C 143 48.51 20.62 19.82
N ILE C 144 48.94 20.44 18.57
CA ILE C 144 49.58 19.19 18.13
C ILE C 144 50.38 19.31 16.83
N ASN C 145 51.44 18.52 16.72
CA ASN C 145 52.29 18.49 15.53
C ASN C 145 52.33 17.15 14.86
N VAL C 146 52.27 17.15 13.53
CA VAL C 146 52.38 15.94 12.75
C VAL C 146 53.51 16.02 11.73
N LYS C 147 54.35 14.99 11.66
CA LYS C 147 55.38 14.85 10.65
C LYS C 147 55.08 13.64 9.78
N TRP C 148 55.22 13.79 8.47
CA TRP C 148 55.27 12.63 7.59
C TRP C 148 56.71 12.29 7.27
N LYS C 149 57.05 11.02 7.38
CA LYS C 149 58.40 10.54 7.06
C LYS C 149 58.33 9.50 5.97
N ILE C 150 58.93 9.80 4.82
CA ILE C 150 58.99 8.88 3.69
C ILE C 150 60.38 8.28 3.60
N ASP C 151 60.45 6.96 3.76
CA ASP C 151 61.74 6.26 3.96
C ASP C 151 62.59 7.02 4.98
N GLY C 152 61.96 7.40 6.09
CA GLY C 152 62.67 8.10 7.17
C GLY C 152 62.81 9.59 6.96
N SER C 153 62.75 10.03 5.72
CA SER C 153 62.94 11.45 5.39
C SER C 153 61.65 12.24 5.54
N GLU C 154 61.74 13.37 6.24
CA GLU C 154 60.58 14.19 6.56
C GLU C 154 59.96 14.78 5.31
N ARG C 155 58.65 14.88 5.28
CA ARG C 155 57.97 15.51 4.16
C ARG C 155 57.02 16.65 4.57
N GLN C 156 57.35 17.86 4.13
CA GLN C 156 56.50 19.02 4.37
C GLN C 156 55.52 19.23 3.21
N ASN C 157 56.03 19.07 1.98
CA ASN C 157 55.28 19.44 0.79
C ASN C 157 54.11 18.48 0.52
N GLY C 158 52.95 19.06 0.22
CA GLY C 158 51.77 18.31 -0.15
C GLY C 158 51.07 17.64 1.00
N VAL C 159 51.13 18.25 2.19
CA VAL C 159 50.41 17.69 3.36
C VAL C 159 49.18 18.54 3.67
N LEU C 160 48.02 17.91 3.80
CA LEU C 160 46.80 18.62 4.12
C LEU C 160 46.28 18.13 5.46
N ASN C 161 46.30 19.06 6.44
CA ASN C 161 45.77 18.81 7.76
C ASN C 161 44.42 19.48 7.92
N SER C 162 43.57 18.94 8.80
CA SER C 162 42.22 19.47 9.01
C SER C 162 41.78 19.16 10.41
N TRP C 163 41.53 20.20 11.19
CA TRP C 163 41.01 20.03 12.54
C TRP C 163 39.51 20.12 12.60
N THR C 164 38.95 19.42 13.58
CA THR C 164 37.54 19.54 13.88
C THR C 164 37.30 20.55 15.02
N ASP C 165 36.08 21.09 15.09
CA ASP C 165 35.68 21.87 16.23
C ASP C 165 35.83 21.04 17.49
N GLN C 166 35.90 21.71 18.62
CA GLN C 166 35.93 21.02 19.90
C GLN C 166 34.66 20.24 20.04
N ASP C 167 34.77 18.95 20.36
CA ASP C 167 33.58 18.08 20.47
C ASP C 167 32.62 18.62 21.54
N SER C 168 31.40 18.89 21.10
CA SER C 168 30.34 19.43 21.98
C SER C 168 29.92 18.51 23.13
N LYS C 169 30.43 17.29 23.16
CA LYS C 169 30.01 16.34 24.16
C LYS C 169 31.11 15.99 25.16
N ASP C 170 32.32 15.72 24.66
CA ASP C 170 33.45 15.35 25.53
C ASP C 170 34.59 16.38 25.57
N SER C 171 34.42 17.51 24.91
CA SER C 171 35.44 18.58 24.90
C SER C 171 36.80 18.17 24.28
N THR C 172 36.81 17.26 23.30
CA THR C 172 38.07 16.93 22.60
C THR C 172 38.15 17.52 21.18
N TYR C 173 39.32 17.33 20.57
CA TYR C 173 39.55 17.71 19.19
C TYR C 173 40.05 16.48 18.49
N SER C 174 39.94 16.51 17.16
CA SER C 174 40.54 15.50 16.30
C SER C 174 41.18 16.18 15.09
N MET C 175 41.93 15.41 14.32
CA MET C 175 42.53 15.98 13.14
C MET C 175 42.84 14.93 12.10
N SER C 176 42.68 15.25 10.81
CA SER C 176 43.21 14.38 9.79
C SER C 176 44.39 15.05 9.08
N SER C 177 45.43 14.27 8.82
CA SER C 177 46.52 14.67 7.95
C SER C 177 46.57 13.77 6.72
N THR C 178 46.79 14.39 5.57
CA THR C 178 46.82 13.67 4.30
C THR C 178 48.08 14.02 3.56
N LEU C 179 48.85 13.02 3.22
CA LEU C 179 50.02 13.23 2.38
C LEU C 179 49.62 12.76 0.98
N THR C 180 49.67 13.63 -0.02
CA THR C 180 49.33 13.19 -1.38
C THR C 180 50.55 13.30 -2.24
N LEU C 181 50.77 12.28 -3.06
CA LEU C 181 51.80 12.28 -4.09
C LEU C 181 51.36 11.39 -5.24
N THR C 182 52.13 11.41 -6.32
CA THR C 182 51.83 10.56 -7.47
C THR C 182 52.04 9.07 -7.15
N LYS C 183 51.38 8.23 -7.95
CA LYS C 183 51.52 6.77 -7.86
C LYS C 183 52.99 6.37 -8.02
N ASP C 184 53.65 7.01 -8.99
CA ASP C 184 55.07 6.78 -9.24
C ASP C 184 55.95 7.21 -8.03
N GLU C 185 55.73 8.41 -7.50
CA GLU C 185 56.40 8.82 -6.25
C GLU C 185 56.18 7.79 -5.15
N TYR C 186 54.92 7.47 -4.89
CA TYR C 186 54.54 6.44 -3.91
C TYR C 186 55.33 5.16 -4.11
N GLU C 187 55.32 4.68 -5.34
CA GLU C 187 55.84 3.37 -5.59
C GLU C 187 57.35 3.33 -5.58
N ARG C 188 57.99 4.49 -5.48
CA ARG C 188 59.44 4.60 -5.39
C ARG C 188 60.01 4.67 -3.97
N HIS C 189 59.25 4.24 -2.97
CA HIS C 189 59.69 4.32 -1.57
C HIS C 189 58.93 3.28 -0.78
N ASN C 190 59.55 2.72 0.26
CA ASN C 190 58.96 1.57 0.92
C ASN C 190 58.08 1.88 2.09
N SER C 191 58.53 2.79 2.98
CA SER C 191 57.87 2.96 4.30
C SER C 191 57.31 4.32 4.49
N TYR C 192 56.14 4.38 5.08
CA TYR C 192 55.47 5.64 5.27
C TYR C 192 55.14 5.83 6.74
N THR C 193 55.60 6.94 7.33
CA THR C 193 55.40 7.19 8.75
C THR C 193 54.62 8.45 9.09
N CYS C 194 53.98 8.37 10.24
CA CYS C 194 53.09 9.39 10.73
C CYS C 194 53.43 9.58 12.17
N GLU C 195 54.11 10.67 12.49
CA GLU C 195 54.55 10.89 13.87
C GLU C 195 53.67 11.96 14.47
N ALA C 196 53.12 11.70 15.66
CA ALA C 196 52.36 12.72 16.39
C ALA C 196 53.15 13.14 17.63
N THR C 197 53.36 14.42 17.81
CA THR C 197 53.94 14.96 19.03
C THR C 197 52.86 15.74 19.76
N HIS C 198 52.68 15.46 21.04
CA HIS C 198 51.59 16.06 21.80
C HIS C 198 51.93 16.11 23.27
N LYS C 199 51.42 17.15 23.93
CA LYS C 199 51.66 17.42 25.34
C LYS C 199 51.66 16.15 26.19
N THR C 200 50.61 15.36 26.03
CA THR C 200 50.40 14.11 26.74
C THR C 200 51.59 13.13 26.74
N SER C 201 52.55 13.29 25.83
CA SER C 201 53.65 12.34 25.70
C SER C 201 55.00 13.02 25.43
N THR C 202 56.05 12.55 26.10
CA THR C 202 57.40 13.13 25.96
C THR C 202 58.04 12.73 24.63
N SER C 203 57.77 11.52 24.17
CA SER C 203 58.21 11.11 22.85
C SER C 203 57.00 10.97 21.94
N PRO C 204 57.23 11.08 20.62
CA PRO C 204 56.14 11.01 19.67
C PRO C 204 55.41 9.68 19.68
N ILE C 205 54.20 9.70 19.12
CA ILE C 205 53.42 8.50 18.81
C ILE C 205 53.56 8.21 17.33
N VAL C 206 54.15 7.07 16.99
CA VAL C 206 54.56 6.84 15.62
C VAL C 206 53.81 5.66 15.06
N LYS C 207 53.14 5.88 13.94
CA LYS C 207 52.47 4.81 13.22
C LYS C 207 52.93 4.85 11.78
N SER C 208 53.06 3.68 11.16
CA SER C 208 53.54 3.62 9.80
C SER C 208 53.26 2.27 9.19
N PHE C 209 53.55 2.13 7.90
CA PHE C 209 53.40 0.87 7.21
C PHE C 209 54.44 0.76 6.13
N ASN C 210 54.64 -0.46 5.67
CA ASN C 210 55.65 -0.75 4.67
C ASN C 210 55.05 -1.42 3.45
N ARG C 211 55.18 -0.78 2.28
CA ARG C 211 54.64 -1.34 1.04
C ARG C 211 55.14 -2.75 0.80
N ASN C 212 56.41 -3.01 1.12
CA ASN C 212 56.96 -4.34 0.91
C ASN C 212 56.31 -5.45 1.76
N GLU C 213 55.15 -5.16 2.38
CA GLU C 213 54.43 -6.15 3.19
C GLU C 213 52.98 -6.31 2.76
N GLU D 1 7.54 29.63 17.78
CA GLU D 1 7.11 28.95 16.51
C GLU D 1 7.37 29.80 15.25
N VAL D 2 8.14 30.90 15.37
CA VAL D 2 8.52 31.69 14.19
C VAL D 2 9.74 31.03 13.62
N GLN D 3 9.78 30.82 12.30
CA GLN D 3 10.93 30.19 11.64
C GLN D 3 11.21 30.81 10.32
N LEU D 4 12.50 30.97 10.06
CA LEU D 4 12.98 31.52 8.82
C LEU D 4 13.89 30.49 8.18
N GLN D 5 13.81 30.25 6.89
CA GLN D 5 14.88 29.50 6.24
C GLN D 5 15.17 30.04 4.86
N GLU D 6 16.46 30.20 4.59
CA GLU D 6 16.91 30.80 3.35
C GLU D 6 17.29 29.72 2.38
N SER D 7 17.31 30.06 1.11
CA SER D 7 17.61 29.07 0.08
C SER D 7 17.84 29.79 -1.19
N GLY D 8 18.58 29.15 -2.07
CA GLY D 8 19.01 29.74 -3.34
C GLY D 8 20.25 29.00 -3.80
N PRO D 9 20.83 29.42 -4.92
CA PRO D 9 21.97 28.69 -5.46
C PRO D 9 23.22 28.86 -4.61
N GLY D 10 23.99 27.79 -4.41
CA GLY D 10 25.25 27.83 -3.65
C GLY D 10 26.49 28.20 -4.47
N LEU D 11 26.35 28.20 -5.79
CA LEU D 11 27.44 28.54 -6.66
C LEU D 11 26.97 29.61 -7.65
N VAL D 12 27.81 30.62 -7.88
CA VAL D 12 27.47 31.73 -8.75
C VAL D 12 28.70 32.32 -9.41
N LYS D 13 28.60 32.56 -10.72
CA LYS D 13 29.75 32.98 -11.49
C LYS D 13 29.95 34.48 -11.35
N PRO D 14 31.24 34.90 -11.23
CA PRO D 14 31.56 36.30 -11.05
C PRO D 14 30.84 37.14 -12.08
N SER D 15 30.38 38.30 -11.65
CA SER D 15 29.76 39.28 -12.54
C SER D 15 28.25 39.08 -12.68
N GLN D 16 27.77 37.89 -12.33
CA GLN D 16 26.33 37.64 -12.25
C GLN D 16 25.77 38.04 -10.91
N SER D 17 24.45 38.02 -10.81
CA SER D 17 23.76 38.42 -9.60
C SER D 17 23.39 37.21 -8.80
N LEU D 18 23.23 37.41 -7.49
CA LEU D 18 22.94 36.34 -6.52
C LEU D 18 21.56 36.57 -5.93
N SER D 19 20.71 35.56 -6.03
CA SER D 19 19.35 35.66 -5.56
C SER D 19 19.12 34.66 -4.48
N LEU D 20 18.64 35.10 -3.35
CA LEU D 20 18.27 34.18 -2.32
C LEU D 20 16.86 34.45 -1.85
N THR D 21 16.23 33.46 -1.26
CA THR D 21 14.94 33.65 -0.66
C THR D 21 14.95 33.23 0.77
N CYS D 22 14.32 34.04 1.59
CA CYS D 22 13.99 33.60 2.90
C CYS D 22 12.49 33.31 2.94
N THR D 23 12.13 32.21 3.60
CA THR D 23 10.76 31.81 3.78
C THR D 23 10.39 31.87 5.24
N VAL D 24 9.47 32.77 5.62
CA VAL D 24 9.07 32.94 7.02
C VAL D 24 7.88 32.09 7.34
N THR D 25 7.84 31.48 8.51
CA THR D 25 6.67 30.70 8.89
C THR D 25 6.38 30.88 10.37
N GLY D 26 5.12 30.87 10.74
CA GLY D 26 4.74 31.08 12.11
C GLY D 26 4.43 32.53 12.40
N TYR D 27 4.53 33.37 11.38
CA TYR D 27 4.42 34.80 11.59
C TYR D 27 4.28 35.50 10.24
N SER D 28 3.37 36.46 10.15
CA SER D 28 3.22 37.20 8.91
C SER D 28 4.30 38.27 8.82
N ILE D 29 4.88 38.43 7.65
CA ILE D 29 5.94 39.42 7.45
C ILE D 29 5.36 40.85 7.33
N THR D 30 4.04 40.94 7.41
CA THR D 30 3.30 42.18 7.30
C THR D 30 2.89 42.72 8.68
N SER D 31 2.84 41.85 9.69
CA SER D 31 2.32 42.25 11.01
C SER D 31 3.19 43.29 11.64
N ASP D 32 4.48 43.01 11.75
CA ASP D 32 5.36 43.78 12.61
C ASP D 32 6.82 43.37 12.36
N TYR D 33 7.76 44.17 12.86
CA TYR D 33 9.18 43.81 12.77
C TYR D 33 9.78 44.13 11.43
N ALA D 34 11.10 43.98 11.39
CA ALA D 34 11.91 44.11 10.19
C ALA D 34 12.59 42.78 9.89
N TRP D 35 12.91 42.59 8.62
CA TRP D 35 13.34 41.34 8.06
C TRP D 35 14.58 41.67 7.30
N ASN D 36 15.65 40.92 7.57
CA ASN D 36 17.00 41.34 7.29
C ASN D 36 17.80 40.34 6.48
N TRP D 37 18.76 40.85 5.72
CA TRP D 37 19.79 40.01 5.14
C TRP D 37 21.13 40.38 5.76
N LEU D 38 21.87 39.38 6.19
CA LEU D 38 23.20 39.56 6.70
C LEU D 38 24.05 38.49 6.07
N ARG D 39 25.36 38.62 6.22
CA ARG D 39 26.25 37.61 5.75
C ARG D 39 27.52 37.59 6.56
N GLN D 40 28.18 36.45 6.52
CA GLN D 40 29.35 36.26 7.32
C GLN D 40 30.40 35.83 6.37
N LEU D 41 31.45 36.59 6.32
CA LEU D 41 32.50 36.37 5.36
C LEU D 41 33.55 35.59 6.06
N PRO D 42 34.41 34.90 5.30
CA PRO D 42 35.61 34.32 5.88
C PRO D 42 36.25 35.18 6.98
N GLY D 43 36.78 34.53 8.00
CA GLY D 43 37.37 35.24 9.12
C GLY D 43 36.30 35.69 10.10
N ASN D 44 35.10 35.15 9.89
CA ASN D 44 33.96 35.36 10.77
C ASN D 44 33.43 36.77 10.92
N LYS D 45 33.77 37.63 9.94
CA LYS D 45 33.42 39.04 9.96
C LYS D 45 32.01 39.25 9.42
N LEU D 46 31.14 39.61 10.36
CA LEU D 46 29.71 39.57 10.21
C LEU D 46 29.16 40.91 9.74
N GLU D 47 28.48 40.92 8.61
CA GLU D 47 28.07 42.19 7.99
C GLU D 47 26.56 42.25 7.68
N TRP D 48 25.91 43.29 8.14
CA TRP D 48 24.49 43.47 7.84
C TRP D 48 24.32 44.05 6.44
N MET D 49 23.32 43.56 5.73
CA MET D 49 23.09 44.00 4.38
C MET D 49 21.87 44.86 4.20
N GLY D 50 20.77 44.50 4.80
CA GLY D 50 19.59 45.34 4.62
C GLY D 50 18.37 44.77 5.29
N TYR D 51 17.28 45.53 5.24
CA TYR D 51 16.03 44.99 5.64
C TYR D 51 14.90 45.45 4.82
N ILE D 52 13.76 44.83 5.10
CA ILE D 52 12.49 45.26 4.59
C ILE D 52 11.55 45.16 5.77
N SER D 53 10.89 46.27 6.09
CA SER D 53 9.99 46.34 7.21
C SER D 53 8.75 45.59 6.89
N TYR D 54 7.92 45.47 7.90
CA TYR D 54 6.59 44.97 7.73
C TYR D 54 5.71 45.90 6.85
N SER D 55 6.09 47.17 6.78
CA SER D 55 5.33 48.19 6.07
C SER D 55 5.90 48.34 4.69
N GLY D 56 6.92 47.56 4.35
CA GLY D 56 7.61 47.67 3.07
C GLY D 56 8.74 48.69 2.99
N ARG D 57 9.12 49.28 4.09
CA ARG D 57 10.27 50.15 4.07
C ARG D 57 11.60 49.42 3.94
N ILE D 58 12.51 49.97 3.15
CA ILE D 58 13.76 49.28 2.80
C ILE D 58 14.97 50.13 3.11
N ARG D 59 16.03 49.48 3.57
CA ARG D 59 17.27 50.13 3.96
C ARG D 59 18.47 49.24 3.71
N TYR D 60 19.53 49.82 3.16
CA TYR D 60 20.72 49.08 2.76
C TYR D 60 21.99 49.54 3.47
N ASN D 61 22.98 48.66 3.54
CA ASN D 61 24.29 49.03 4.03
C ASN D 61 25.04 49.88 2.99
N PRO D 62 25.54 51.05 3.39
CA PRO D 62 26.07 51.97 2.39
C PRO D 62 27.11 51.32 1.49
N SER D 63 27.98 50.54 2.10
CA SER D 63 29.00 49.76 1.42
C SER D 63 28.48 48.91 0.26
N LEU D 64 27.19 48.57 0.31
CA LEU D 64 26.56 47.65 -0.65
C LEU D 64 25.44 48.23 -1.50
N LYS D 65 25.08 49.51 -1.26
CA LYS D 65 23.84 50.10 -1.77
C LYS D 65 23.87 50.36 -3.24
N ARG D 66 25.04 50.30 -3.86
CA ARG D 66 25.07 50.37 -5.33
C ARG D 66 24.52 49.11 -5.99
N ARG D 67 24.62 47.95 -5.33
CA ARG D 67 24.39 46.66 -5.98
C ARG D 67 23.31 45.78 -5.36
N ILE D 68 22.60 46.27 -4.36
CA ILE D 68 21.73 45.40 -3.58
C ILE D 68 20.26 45.77 -3.77
N SER D 69 19.39 44.77 -3.70
CA SER D 69 17.97 45.01 -3.81
C SER D 69 17.24 43.98 -2.99
N ILE D 70 16.47 44.44 -2.00
CA ILE D 70 15.60 43.59 -1.22
C ILE D 70 14.18 43.87 -1.64
N THR D 71 13.43 42.78 -1.88
CA THR D 71 12.01 42.85 -2.25
C THR D 71 11.26 41.84 -1.39
N ARG D 72 9.94 41.82 -1.48
CA ARG D 72 9.14 40.87 -0.71
C ARG D 72 7.94 40.34 -1.53
N ASP D 73 7.39 39.24 -1.07
CA ASP D 73 6.17 38.70 -1.67
C ASP D 73 5.24 38.25 -0.58
N THR D 74 4.26 39.11 -0.27
CA THR D 74 3.48 38.91 0.92
C THR D 74 2.44 37.83 0.75
N SER D 75 2.27 37.39 -0.48
CA SER D 75 1.37 36.31 -0.81
C SER D 75 1.89 34.95 -0.30
N LYS D 76 3.17 34.75 -0.61
CA LYS D 76 3.93 33.59 -0.22
C LYS D 76 4.62 33.80 1.10
N ASN D 77 4.54 35.02 1.67
CA ASN D 77 5.18 35.36 2.96
C ASN D 77 6.70 35.13 2.86
N GLN D 78 7.27 35.68 1.80
CA GLN D 78 8.67 35.54 1.53
C GLN D 78 9.33 36.88 1.34
N PHE D 79 10.62 36.95 1.65
CA PHE D 79 11.44 38.06 1.21
C PHE D 79 12.74 37.56 0.55
N PHE D 80 13.31 38.45 -0.27
CA PHE D 80 14.31 38.09 -1.26
C PHE D 80 15.46 39.06 -1.21
N LEU D 81 16.64 38.56 -1.55
CA LEU D 81 17.85 39.37 -1.71
C LEU D 81 18.32 39.24 -3.14
N GLN D 82 18.88 40.34 -3.64
CA GLN D 82 19.55 40.30 -4.93
C GLN D 82 20.77 41.20 -4.84
N LEU D 83 21.93 40.61 -5.09
CA LEU D 83 23.18 41.30 -5.02
C LEU D 83 23.84 41.22 -6.40
N ASN D 84 23.91 42.34 -7.11
CA ASN D 84 24.46 42.33 -8.47
C ASN D 84 25.98 42.32 -8.52
N SER D 85 26.54 42.03 -9.69
CA SER D 85 28.00 42.11 -9.92
C SER D 85 28.87 41.39 -8.90
N VAL D 86 28.60 40.12 -8.61
CA VAL D 86 29.31 39.45 -7.54
C VAL D 86 30.75 39.17 -7.95
N THR D 87 31.68 39.42 -7.06
CA THR D 87 33.05 38.96 -7.23
C THR D 87 33.25 37.85 -6.20
N THR D 88 34.48 37.35 -6.12
CA THR D 88 34.78 36.29 -5.19
C THR D 88 34.76 36.82 -3.76
N GLU D 89 35.06 38.09 -3.57
CA GLU D 89 34.87 38.69 -2.25
C GLU D 89 33.46 38.46 -1.70
N ASP D 90 32.48 38.24 -2.57
CA ASP D 90 31.10 38.08 -2.13
C ASP D 90 30.78 36.66 -1.67
N THR D 91 31.79 35.79 -1.65
CA THR D 91 31.65 34.46 -1.06
C THR D 91 31.48 34.54 0.47
N ALA D 92 30.35 34.04 0.97
CA ALA D 92 30.05 34.10 2.39
C ALA D 92 28.89 33.20 2.71
N THR D 93 28.55 33.06 3.99
CA THR D 93 27.31 32.38 4.38
C THR D 93 26.26 33.46 4.60
N TYR D 94 25.12 33.34 3.91
CA TYR D 94 24.13 34.39 3.94
C TYR D 94 23.06 34.01 4.91
N TYR D 95 22.56 35.01 5.64
CA TYR D 95 21.63 34.82 6.76
C TYR D 95 20.43 35.74 6.69
N CYS D 96 19.23 35.19 6.77
CA CYS D 96 18.08 36.04 6.99
C CYS D 96 17.73 36.07 8.50
N ALA D 97 17.17 37.20 8.95
CA ALA D 97 16.88 37.41 10.37
C ALA D 97 15.75 38.43 10.60
N ARG D 98 14.97 38.20 11.64
CA ARG D 98 13.92 39.12 12.05
C ARG D 98 14.43 40.01 13.18
N SER D 99 14.08 41.30 13.10
CA SER D 99 14.45 42.25 14.14
C SER D 99 13.35 43.23 14.53
N ASP D 100 13.51 43.81 15.72
CA ASP D 100 12.83 45.06 16.06
C ASP D 100 12.87 46.00 14.92
N TYR D 101 11.76 46.63 14.62
CA TYR D 101 11.87 47.75 13.72
C TYR D 101 12.09 48.96 14.59
N GLY D 102 13.35 49.39 14.68
CA GLY D 102 13.70 50.47 15.60
C GLY D 102 13.90 49.91 17.00
N ASN D 103 13.40 50.63 18.00
CA ASN D 103 13.80 50.42 19.40
C ASN D 103 15.17 49.70 19.58
N TYR D 104 15.18 48.48 20.09
CA TYR D 104 16.44 47.91 20.57
C TYR D 104 17.31 47.40 19.43
N GLY D 105 16.71 47.18 18.26
CA GLY D 105 17.44 46.67 17.10
C GLY D 105 18.10 45.34 17.38
N ARG D 106 17.29 44.35 17.74
CA ARG D 106 17.81 43.05 18.10
C ARG D 106 17.29 42.01 17.08
N GLY D 107 18.14 41.06 16.69
CA GLY D 107 17.70 39.97 15.83
C GLY D 107 17.20 38.82 16.70
N ASP D 108 15.89 38.59 16.73
CA ASP D 108 15.32 37.61 17.66
C ASP D 108 15.10 36.21 17.06
N TYR D 109 15.11 36.11 15.75
CA TYR D 109 15.07 34.84 15.07
C TYR D 109 15.96 34.88 13.84
N TRP D 110 16.72 33.80 13.61
CA TRP D 110 17.63 33.69 12.48
C TRP D 110 17.38 32.43 11.69
N GLY D 111 17.59 32.47 10.39
CA GLY D 111 17.74 31.25 9.61
C GLY D 111 19.02 30.52 9.98
N GLN D 112 19.25 29.33 9.44
CA GLN D 112 20.51 28.64 9.77
C GLN D 112 21.67 29.07 8.95
N GLY D 113 21.43 29.87 7.92
CA GLY D 113 22.50 30.37 7.06
C GLY D 113 22.57 29.51 5.84
N THR D 114 23.03 30.08 4.73
CA THR D 114 23.22 29.35 3.49
C THR D 114 24.50 29.84 2.87
N SER D 115 25.38 28.91 2.55
CA SER D 115 26.69 29.21 2.00
C SER D 115 26.60 29.42 0.49
N VAL D 116 27.19 30.50 0.00
CA VAL D 116 27.22 30.81 -1.42
C VAL D 116 28.64 31.09 -1.85
N THR D 117 29.02 30.52 -2.98
CA THR D 117 30.37 30.67 -3.50
C THR D 117 30.38 31.37 -4.82
N VAL D 118 31.30 32.31 -4.97
CA VAL D 118 31.49 32.97 -6.23
C VAL D 118 32.78 32.45 -6.84
N SER D 119 32.65 31.59 -7.86
CA SER D 119 33.82 31.18 -8.69
C SER D 119 33.41 30.77 -10.10
N SER D 120 34.31 30.95 -11.05
CA SER D 120 34.07 30.48 -12.41
C SER D 120 34.39 28.99 -12.51
N ALA D 121 35.03 28.42 -11.49
CA ALA D 121 35.37 26.98 -11.42
C ALA D 121 34.17 26.04 -11.64
N LYS D 122 34.34 25.02 -12.48
CA LYS D 122 33.25 24.10 -12.86
C LYS D 122 32.83 23.17 -11.72
N THR D 123 31.54 22.92 -11.59
CA THR D 123 31.03 21.93 -10.63
C THR D 123 31.64 20.57 -10.91
N THR D 124 32.06 19.83 -9.87
CA THR D 124 32.69 18.49 -10.05
C THR D 124 32.26 17.50 -8.98
N PRO D 125 31.95 16.24 -9.41
CA PRO D 125 31.63 15.25 -8.40
C PRO D 125 32.88 14.79 -7.70
N PRO D 126 32.73 14.28 -6.48
CA PRO D 126 33.88 13.75 -5.77
C PRO D 126 34.31 12.38 -6.25
N SER D 127 35.53 12.02 -5.87
CA SER D 127 36.00 10.66 -5.91
C SER D 127 35.93 10.25 -4.46
N VAL D 128 35.42 9.06 -4.19
CA VAL D 128 35.32 8.52 -2.83
C VAL D 128 36.21 7.29 -2.65
N TYR D 129 37.15 7.36 -1.70
CA TYR D 129 38.13 6.29 -1.51
C TYR D 129 38.05 5.71 -0.12
N PRO D 130 37.98 4.37 -0.04
CA PRO D 130 37.86 3.74 1.24
C PRO D 130 39.18 3.81 2.00
N LEU D 131 39.09 3.79 3.34
CA LEU D 131 40.30 3.78 4.18
C LEU D 131 40.24 2.62 5.18
N ALA D 132 40.91 1.52 4.81
CA ALA D 132 41.01 0.33 5.63
C ALA D 132 42.45 0.09 6.08
N PRO D 133 42.64 -0.46 7.29
CA PRO D 133 43.99 -0.74 7.79
C PRO D 133 44.81 -1.58 6.82
N GLY D 134 46.10 -1.23 6.66
CA GLY D 134 47.03 -2.05 5.89
C GLY D 134 47.07 -3.43 6.48
N CYS D 135 47.14 -4.45 5.62
CA CYS D 135 46.88 -5.83 6.05
C CYS D 135 47.75 -6.33 7.22
N GLY D 136 48.98 -5.86 7.33
CA GLY D 136 49.87 -6.24 8.43
C GLY D 136 49.45 -5.65 9.78
N ASP D 137 48.74 -4.54 9.70
CA ASP D 137 48.38 -3.75 10.88
C ASP D 137 47.34 -4.48 11.73
N THR D 138 47.79 -5.49 12.46
CA THR D 138 46.94 -6.18 13.41
C THR D 138 46.60 -5.16 14.52
N THR D 139 45.34 -5.17 14.97
CA THR D 139 44.79 -4.08 15.80
C THR D 139 44.34 -4.57 17.20
N GLY D 140 43.64 -3.70 17.94
CA GLY D 140 43.16 -4.05 19.28
C GLY D 140 41.69 -3.75 19.50
N SER D 141 41.43 -3.15 20.65
CA SER D 141 40.10 -3.05 21.24
C SER D 141 38.97 -2.59 20.30
N SER D 142 39.29 -1.68 19.39
CA SER D 142 38.35 -1.27 18.35
C SER D 142 39.09 -0.79 17.10
N VAL D 143 38.34 -0.41 16.08
CA VAL D 143 38.91 -0.19 14.75
C VAL D 143 38.38 1.10 14.19
N THR D 144 39.27 1.87 13.57
CA THR D 144 38.87 3.07 12.87
C THR D 144 38.94 2.85 11.37
N SER D 145 37.89 3.29 10.69
CA SER D 145 37.87 3.26 9.26
C SER D 145 37.44 4.63 8.78
N GLY D 146 37.58 4.87 7.47
CA GLY D 146 37.19 6.16 6.91
C GLY D 146 36.92 6.22 5.41
N CYS D 147 36.41 7.37 4.96
CA CYS D 147 36.30 7.70 3.54
C CYS D 147 37.20 8.86 3.23
N LEU D 148 37.74 8.87 2.04
CA LEU D 148 38.38 10.06 1.52
C LEU D 148 37.57 10.58 0.33
N VAL D 149 37.06 11.80 0.48
CA VAL D 149 36.29 12.45 -0.58
C VAL D 149 37.17 13.52 -1.20
N LYS D 150 37.62 13.31 -2.43
CA LYS D 150 38.65 14.11 -3.00
C LYS D 150 38.24 14.70 -4.35
N GLY D 151 38.82 15.85 -4.69
CA GLY D 151 38.70 16.44 -6.00
C GLY D 151 37.29 16.84 -6.37
N TYR D 152 36.61 17.55 -5.48
CA TYR D 152 35.23 18.00 -5.75
C TYR D 152 35.04 19.50 -5.62
N PHE D 153 33.95 19.97 -6.21
CA PHE D 153 33.60 21.37 -6.22
C PHE D 153 32.17 21.55 -6.66
N PRO D 154 31.43 22.42 -5.97
CA PRO D 154 31.80 23.18 -4.79
C PRO D 154 31.56 22.38 -3.50
N GLU D 155 31.83 23.00 -2.36
CA GLU D 155 31.38 22.49 -1.08
C GLU D 155 29.87 22.69 -1.11
N SER D 156 29.06 21.85 -0.46
CA SER D 156 29.46 20.93 0.60
C SER D 156 29.28 19.50 0.19
N VAL D 157 29.59 18.58 1.11
CA VAL D 157 29.41 17.15 0.98
C VAL D 157 28.80 16.62 2.28
N THR D 158 27.88 15.68 2.19
CA THR D 158 27.44 14.90 3.35
C THR D 158 28.04 13.50 3.26
N VAL D 159 28.66 13.05 4.36
CA VAL D 159 29.12 11.68 4.51
C VAL D 159 28.38 11.01 5.66
N THR D 160 27.62 9.95 5.38
CA THR D 160 26.94 9.18 6.45
C THR D 160 27.37 7.71 6.45
N TRP D 161 27.45 7.09 7.62
CA TRP D 161 27.92 5.71 7.77
C TRP D 161 26.84 4.74 8.22
N ASN D 162 26.92 3.51 7.73
CA ASN D 162 26.18 2.36 8.29
C ASN D 162 27.13 1.19 8.56
N SER D 163 26.82 0.42 9.61
CA SER D 163 27.67 -0.70 10.17
C SER D 163 26.91 -1.86 10.89
N GLY D 164 26.16 -1.49 11.93
CA GLY D 164 25.49 -2.45 12.80
C GLY D 164 25.31 -1.80 14.16
N SER D 165 26.42 -1.33 14.74
CA SER D 165 26.41 -0.76 16.11
C SER D 165 26.19 0.76 16.17
N LEU D 166 25.26 1.16 17.05
CA LEU D 166 25.05 2.57 17.47
C LEU D 166 26.12 3.03 18.51
N SER D 167 27.07 2.14 18.84
CA SER D 167 28.38 2.53 19.44
C SER D 167 29.42 2.86 18.31
N SER D 168 28.99 3.72 17.37
CA SER D 168 29.84 4.21 16.30
C SER D 168 30.07 5.72 16.45
N SER D 169 31.30 6.12 16.83
CA SER D 169 31.67 7.54 16.87
C SER D 169 32.22 7.97 15.51
N VAL D 170 31.65 9.03 14.97
CA VAL D 170 32.07 9.56 13.69
C VAL D 170 32.85 10.86 13.92
N HIS D 171 33.71 11.17 12.98
CA HIS D 171 34.30 12.48 12.90
C HIS D 171 34.21 12.86 11.44
N THR D 172 33.91 14.14 11.19
CA THR D 172 33.95 14.71 9.84
C THR D 172 34.94 15.85 9.81
N PHE D 173 35.94 15.76 8.95
CA PHE D 173 36.98 16.80 8.92
C PHE D 173 36.65 17.84 7.83
N PRO D 174 36.72 19.14 8.18
CA PRO D 174 36.37 20.19 7.23
C PRO D 174 37.19 20.11 5.97
N ALA D 175 36.58 20.48 4.84
CA ALA D 175 37.21 20.36 3.54
C ALA D 175 38.30 21.41 3.34
N LEU D 176 39.20 21.12 2.42
CA LEU D 176 40.28 22.00 2.04
C LEU D 176 40.53 21.99 0.54
N LEU D 177 40.86 23.17 0.03
CA LEU D 177 41.19 23.37 -1.37
C LEU D 177 42.54 22.76 -1.61
N GLN D 178 42.56 21.71 -2.41
CA GLN D 178 43.79 21.14 -2.93
C GLN D 178 43.89 21.52 -4.42
N SER D 179 44.67 22.58 -4.68
CA SER D 179 44.86 23.08 -6.04
C SER D 179 43.55 23.12 -6.81
N GLY D 180 42.74 24.15 -6.53
CA GLY D 180 41.51 24.37 -7.26
C GLY D 180 40.33 23.54 -6.79
N LEU D 181 40.57 22.30 -6.36
CA LEU D 181 39.47 21.40 -6.00
C LEU D 181 39.52 21.09 -4.52
N TYR D 182 38.36 20.73 -3.98
CA TYR D 182 38.24 20.45 -2.57
C TYR D 182 38.60 19.00 -2.24
N THR D 183 38.90 18.78 -0.95
CA THR D 183 39.11 17.45 -0.39
C THR D 183 38.78 17.41 1.09
N MET D 184 38.08 16.37 1.49
CA MET D 184 37.59 16.19 2.85
C MET D 184 37.80 14.74 3.22
N SER D 185 37.51 14.42 4.46
CA SER D 185 37.59 13.04 4.93
C SER D 185 36.71 12.79 6.15
N SER D 186 36.45 11.53 6.40
CA SER D 186 35.65 11.16 7.57
C SER D 186 36.10 9.82 8.19
N SER D 187 36.03 9.77 9.52
CA SER D 187 36.47 8.60 10.25
C SER D 187 35.26 8.05 10.96
N VAL D 188 35.30 6.74 11.19
CA VAL D 188 34.33 6.06 12.04
C VAL D 188 35.10 5.03 12.83
N THR D 189 34.66 4.84 14.06
CA THR D 189 35.25 3.86 14.94
C THR D 189 34.19 2.89 15.40
N VAL D 190 34.56 1.63 15.42
CA VAL D 190 33.63 0.55 15.71
C VAL D 190 34.36 -0.48 16.56
N PRO D 191 33.63 -1.22 17.42
CA PRO D 191 34.27 -2.33 18.12
C PRO D 191 34.98 -3.26 17.14
N SER D 192 36.17 -3.75 17.52
CA SER D 192 36.97 -4.54 16.61
C SER D 192 36.31 -5.90 16.35
N SER D 193 35.41 -6.31 17.25
CA SER D 193 34.60 -7.49 17.06
C SER D 193 33.40 -7.33 16.10
N THR D 194 33.11 -6.14 15.60
CA THR D 194 32.02 -5.96 14.63
C THR D 194 32.53 -5.87 13.22
N TRP D 195 33.85 -5.82 13.04
CA TRP D 195 34.43 -5.70 11.71
C TRP D 195 35.69 -6.53 11.60
N PRO D 196 35.86 -7.29 10.49
CA PRO D 196 35.07 -7.25 9.24
C PRO D 196 33.79 -8.07 9.22
N SER D 197 33.39 -8.62 10.35
CA SER D 197 32.14 -9.36 10.42
C SER D 197 31.00 -8.55 9.80
N GLU D 198 30.55 -7.53 10.50
CA GLU D 198 29.43 -6.70 10.05
C GLU D 198 29.92 -5.65 9.07
N THR D 199 29.36 -5.74 7.86
CA THR D 199 29.71 -4.85 6.75
C THR D 199 29.68 -3.37 7.13
N VAL D 200 30.63 -2.59 6.63
CA VAL D 200 30.65 -1.14 6.86
C VAL D 200 30.85 -0.36 5.57
N THR D 201 29.96 0.58 5.38
CA THR D 201 29.91 1.30 4.14
C THR D 201 29.64 2.74 4.44
N CYS D 202 30.22 3.63 3.64
CA CYS D 202 29.90 5.03 3.78
C CYS D 202 29.13 5.56 2.58
N SER D 203 28.40 6.64 2.79
CA SER D 203 27.58 7.27 1.76
C SER D 203 27.92 8.73 1.65
N VAL D 204 28.39 9.12 0.47
CA VAL D 204 28.90 10.44 0.21
C VAL D 204 28.02 11.13 -0.83
N ALA D 205 27.19 12.08 -0.39
CA ALA D 205 26.23 12.78 -1.24
C ALA D 205 26.75 14.14 -1.62
N HIS D 206 26.82 14.44 -2.92
CA HIS D 206 27.22 15.76 -3.42
C HIS D 206 26.09 16.38 -4.26
N PRO D 207 25.28 17.28 -3.65
CA PRO D 207 24.11 17.83 -4.33
C PRO D 207 24.44 18.66 -5.56
N ALA D 208 25.41 19.59 -5.47
CA ALA D 208 25.76 20.48 -6.60
C ALA D 208 25.96 19.72 -7.91
N SER D 209 26.49 18.52 -7.77
CA SER D 209 26.68 17.58 -8.88
C SER D 209 25.52 16.57 -8.92
N SER D 210 24.59 16.70 -7.96
CA SER D 210 23.56 15.71 -7.65
C SER D 210 24.12 14.30 -7.82
N THR D 211 24.95 13.88 -6.87
CA THR D 211 25.59 12.57 -6.89
C THR D 211 25.71 11.97 -5.49
N THR D 212 25.66 10.65 -5.44
CA THR D 212 25.81 9.88 -4.22
C THR D 212 26.60 8.64 -4.54
N VAL D 213 27.71 8.40 -3.86
CA VAL D 213 28.35 7.08 -3.96
C VAL D 213 28.35 6.45 -2.57
N ASP D 214 28.45 5.13 -2.56
CA ASP D 214 28.55 4.33 -1.34
C ASP D 214 29.75 3.41 -1.49
N LYS D 215 30.74 3.57 -0.63
CA LYS D 215 31.85 2.63 -0.62
C LYS D 215 31.69 1.70 0.53
N LYS D 216 31.74 0.41 0.25
CA LYS D 216 32.01 -0.58 1.27
C LYS D 216 33.48 -0.53 1.63
N LEU D 217 33.78 -0.95 2.85
CA LEU D 217 35.14 -0.96 3.36
C LEU D 217 35.55 -2.41 3.58
N GLU D 218 36.55 -2.85 2.80
CA GLU D 218 37.02 -4.22 2.85
C GLU D 218 38.32 -4.34 3.67
N PRO D 219 38.53 -5.48 4.33
CA PRO D 219 39.81 -5.78 5.03
C PRO D 219 41.06 -6.08 4.16
#